data_2ZKT
#
_entry.id   2ZKT
#
_cell.length_a   155.900
_cell.length_b   155.900
_cell.length_c   230.857
_cell.angle_alpha   90.00
_cell.angle_beta   90.00
_cell.angle_gamma   120.00
#
_symmetry.space_group_name_H-M   'H 3 2'
#
loop_
_entity.id
_entity.type
_entity.pdbx_description
1 polymer '2,3-bisphosphoglycerate-independent phosphoglycerate mutase'
2 non-polymer 'CALCIUM ION'
3 non-polymer 'ZINC ION'
4 water water
#
_entity_poly.entity_id   1
_entity_poly.type   'polypeptide(L)'
_entity_poly.pdbx_seq_one_letter_code
;MVLKRKGLLIILDGLGDRPIKELNGLTPLEYANTPNMDKLAEIGILGQQDPIKPGQPAGSDTAHLSIFGYDPYETYRGRG
FFEALGVGLDLSKDDLAFRVNFATLENGIITDRRAGRISTEEAHELARAIQEEVDIGVDFIFKGATGHRAVLVLKGMSRG
YKVGDNDPHEAGKPPLKFSYEDEDSKKVAEILEEFVKKAQEVLEKHPINERRRKEGKPIANYLLIRGAGTYPNIPMKFTE
QWKVKAAGVIAVALVKGVARAVGFDVYTPEGATGEYNTNEMAKAKKAVELLKDYDFVFLHFKPTDAAGHDNKPKLKAELI
ERADRMIGYILDHVDLEEVVIAITGDHSTPCEVMNHSGDPVPLLIAGGGVRTDDTKRFGEREAMKGGLGRIRGHDIVPIM
MDLMNRSEKFGA
;
_entity_poly.pdbx_strand_id   A,B
#
loop_
_chem_comp.id
_chem_comp.type
_chem_comp.name
_chem_comp.formula
CA non-polymer 'CALCIUM ION' 'Ca 2'
ZN non-polymer 'ZINC ION' 'Zn 2'
#
# COMPACT_ATOMS: atom_id res chain seq x y z
N MET A 1 -3.56 -11.62 43.43
CA MET A 1 -2.51 -10.55 43.42
C MET A 1 -2.34 -9.97 42.00
N VAL A 2 -1.10 -9.79 41.58
CA VAL A 2 -0.82 -9.23 40.25
C VAL A 2 -0.65 -10.31 39.18
N LEU A 3 -1.33 -10.12 38.04
CA LEU A 3 -1.30 -11.06 36.93
C LEU A 3 0.02 -11.05 36.16
N LYS A 4 0.54 -12.26 35.91
CA LYS A 4 1.76 -12.44 35.15
C LYS A 4 1.31 -12.65 33.71
N ARG A 5 2.21 -12.44 32.76
CA ARG A 5 1.85 -12.60 31.35
C ARG A 5 2.80 -13.56 30.65
N LYS A 6 2.45 -13.94 29.41
CA LYS A 6 3.31 -14.81 28.64
C LYS A 6 4.12 -13.90 27.73
N GLY A 7 5.20 -14.44 27.16
CA GLY A 7 5.99 -13.64 26.26
C GLY A 7 6.19 -14.40 24.97
N LEU A 8 6.31 -13.67 23.86
CA LEU A 8 6.52 -14.25 22.52
C LEU A 8 7.57 -13.38 21.85
N LEU A 9 8.72 -13.96 21.53
CA LEU A 9 9.81 -13.21 20.91
C LEU A 9 10.01 -13.69 19.49
N ILE A 10 9.85 -12.79 18.52
CA ILE A 10 10.03 -13.20 17.14
C ILE A 10 11.30 -12.64 16.53
N ILE A 11 12.14 -13.55 16.04
CA ILE A 11 13.40 -13.17 15.44
C ILE A 11 13.37 -13.39 13.93
N LEU A 12 13.58 -12.31 13.19
CA LEU A 12 13.63 -12.35 11.73
C LEU A 12 15.12 -12.24 11.46
N ASP A 13 15.76 -13.39 11.21
CA ASP A 13 17.20 -13.44 10.96
C ASP A 13 17.66 -12.38 9.95
N GLY A 14 18.74 -11.67 10.30
CA GLY A 14 19.29 -10.64 9.42
C GLY A 14 18.40 -9.44 9.05
N LEU A 15 17.31 -9.23 9.79
CA LEU A 15 16.37 -8.12 9.54
C LEU A 15 17.02 -6.78 9.14
N GLY A 16 17.99 -6.33 9.95
CA GLY A 16 18.66 -5.06 9.70
C GLY A 16 19.37 -4.94 8.35
N ASP A 17 19.44 -3.71 7.82
CA ASP A 17 20.08 -3.50 6.54
C ASP A 17 20.54 -2.04 6.42
N ARG A 18 20.83 -1.62 5.18
CA ARG A 18 21.25 -0.24 4.91
C ARG A 18 20.36 0.34 3.79
N PRO A 19 20.37 1.68 3.61
CA PRO A 19 19.55 2.31 2.57
C PRO A 19 19.93 1.71 1.21
N ILE A 20 18.92 1.39 0.40
CA ILE A 20 19.15 0.82 -0.91
C ILE A 20 18.58 1.72 -2.01
N LYS A 21 19.45 2.15 -2.94
CA LYS A 21 19.06 3.03 -4.05
C LYS A 21 17.81 2.55 -4.80
N GLU A 22 17.83 1.33 -5.33
CA GLU A 22 16.64 0.87 -6.05
C GLU A 22 15.38 0.87 -5.19
N LEU A 23 15.54 0.97 -3.87
CA LEU A 23 14.39 1.03 -2.97
C LEU A 23 14.14 2.47 -2.50
N ASN A 24 14.54 3.43 -3.34
CA ASN A 24 14.32 4.84 -3.06
C ASN A 24 15.02 5.38 -1.81
N GLY A 25 16.13 4.75 -1.43
CA GLY A 25 16.88 5.19 -0.26
C GLY A 25 16.38 4.55 1.03
N LEU A 26 15.41 3.65 0.92
CA LEU A 26 14.85 2.95 2.08
C LEU A 26 15.52 1.59 2.27
N THR A 27 15.27 0.98 3.43
CA THR A 27 15.82 -0.35 3.71
C THR A 27 14.72 -1.35 3.28
N PRO A 28 15.07 -2.63 3.12
CA PRO A 28 14.04 -3.59 2.72
C PRO A 28 12.85 -3.61 3.68
N LEU A 29 13.13 -3.49 4.99
CA LEU A 29 12.06 -3.50 6.00
C LEU A 29 11.15 -2.26 5.88
N GLU A 30 11.73 -1.10 5.56
CA GLU A 30 10.93 0.12 5.44
C GLU A 30 10.11 0.10 4.15
N TYR A 31 10.71 -0.44 3.08
CA TYR A 31 10.08 -0.52 1.77
C TYR A 31 8.95 -1.56 1.73
N ALA A 32 9.16 -2.67 2.43
CA ALA A 32 8.18 -3.75 2.48
C ALA A 32 6.84 -3.32 3.10
N ASN A 33 5.75 -3.86 2.57
CA ASN A 33 4.42 -3.54 3.08
C ASN A 33 4.18 -4.39 4.34
N THR A 34 4.31 -3.75 5.50
CA THR A 34 4.16 -4.47 6.78
C THR A 34 3.12 -3.85 7.72
N PRO A 35 1.82 -3.91 7.34
CA PRO A 35 0.74 -3.36 8.19
C PRO A 35 0.68 -3.91 9.62
N ASN A 36 1.02 -5.19 9.79
CA ASN A 36 0.97 -5.78 11.13
C ASN A 36 2.09 -5.27 12.05
N MET A 37 3.33 -5.21 11.54
CA MET A 37 4.41 -4.71 12.38
C MET A 37 4.22 -3.19 12.59
N ASP A 38 3.79 -2.46 11.56
CA ASP A 38 3.58 -1.02 11.71
C ASP A 38 2.52 -0.79 12.80
N LYS A 39 1.46 -1.59 12.77
CA LYS A 39 0.39 -1.48 13.76
C LYS A 39 0.97 -1.70 15.17
N LEU A 40 1.77 -2.76 15.32
CA LEU A 40 2.37 -3.06 16.61
C LEU A 40 3.33 -1.95 17.05
N ALA A 41 4.06 -1.37 16.09
CA ALA A 41 4.99 -0.29 16.41
C ALA A 41 4.15 0.88 16.95
N GLU A 42 3.04 1.15 16.28
CA GLU A 42 2.14 2.23 16.65
C GLU A 42 1.59 2.06 18.08
N ILE A 43 1.17 0.86 18.45
CA ILE A 43 0.64 0.66 19.82
C ILE A 43 1.75 0.30 20.81
N GLY A 44 2.93 -0.05 20.31
CA GLY A 44 4.03 -0.42 21.18
C GLY A 44 5.10 0.64 21.37
N ILE A 45 6.34 0.16 21.47
CA ILE A 45 7.50 1.02 21.66
C ILE A 45 8.65 0.45 20.84
N LEU A 46 9.50 1.34 20.33
CA LEU A 46 10.64 0.94 19.50
C LEU A 46 12.00 1.30 20.10
N GLY A 47 13.03 0.75 19.48
CA GLY A 47 14.40 1.01 19.90
C GLY A 47 15.30 0.27 18.95
N GLN A 48 16.62 0.42 19.11
CA GLN A 48 17.58 -0.28 18.29
C GLN A 48 18.40 -1.13 19.27
N GLN A 49 18.93 -2.25 18.81
CA GLN A 49 19.72 -3.08 19.71
C GLN A 49 21.01 -3.55 19.06
N ASP A 50 22.10 -3.52 19.81
CA ASP A 50 23.39 -4.02 19.33
C ASP A 50 23.51 -5.45 19.89
N PRO A 51 23.46 -6.48 19.02
CA PRO A 51 23.57 -7.88 19.48
C PRO A 51 24.70 -8.05 20.51
N ILE A 52 25.89 -7.53 20.16
CA ILE A 52 27.04 -7.63 21.05
C ILE A 52 27.44 -6.22 21.53
N LYS A 53 27.74 -5.34 20.57
CA LYS A 53 28.13 -3.97 20.89
C LYS A 53 28.24 -3.15 19.61
N PRO A 54 28.22 -1.80 19.73
CA PRO A 54 28.32 -0.90 18.58
C PRO A 54 29.41 -1.26 17.56
N GLY A 55 29.01 -1.50 16.32
CA GLY A 55 29.96 -1.85 15.25
C GLY A 55 30.51 -3.27 15.26
N GLN A 56 29.98 -4.14 16.11
CA GLN A 56 30.47 -5.52 16.19
C GLN A 56 29.56 -6.58 15.53
N PRO A 57 29.96 -7.10 14.36
CA PRO A 57 29.15 -8.11 13.67
C PRO A 57 29.13 -9.39 14.51
N ALA A 58 27.98 -10.05 14.59
CA ALA A 58 27.87 -11.29 15.36
C ALA A 58 27.32 -12.43 14.51
N GLY A 59 27.86 -13.64 14.72
CA GLY A 59 27.37 -14.79 13.99
C GLY A 59 25.97 -15.13 14.49
N SER A 60 25.24 -15.96 13.76
CA SER A 60 23.88 -16.33 14.16
C SER A 60 23.84 -16.98 15.55
N ASP A 61 24.87 -17.76 15.89
CA ASP A 61 24.91 -18.42 17.19
C ASP A 61 25.28 -17.49 18.36
N THR A 62 26.33 -16.67 18.21
CA THR A 62 26.70 -15.75 19.29
C THR A 62 25.59 -14.70 19.48
N ALA A 63 24.98 -14.25 18.38
CA ALA A 63 23.91 -13.26 18.47
C ALA A 63 22.74 -13.80 19.28
N HIS A 64 22.40 -15.07 19.08
CA HIS A 64 21.27 -15.66 19.80
C HIS A 64 21.62 -15.94 21.26
N LEU A 65 22.93 -16.19 21.54
CA LEU A 65 23.32 -16.34 22.95
C LEU A 65 23.03 -15.00 23.65
N SER A 66 23.33 -13.91 22.91
CA SER A 66 23.06 -12.57 23.45
C SER A 66 21.57 -12.33 23.64
N ILE A 67 20.80 -12.58 22.57
CA ILE A 67 19.36 -12.39 22.60
C ILE A 67 18.66 -13.17 23.72
N PHE A 68 19.18 -14.35 24.06
CA PHE A 68 18.57 -15.18 25.12
C PHE A 68 19.01 -14.73 26.52
N GLY A 69 19.63 -13.54 26.57
CA GLY A 69 20.08 -12.97 27.83
C GLY A 69 21.47 -13.37 28.32
N TYR A 70 22.26 -14.05 27.48
CA TYR A 70 23.60 -14.48 27.90
C TYR A 70 24.72 -13.55 27.38
N ASP A 71 25.95 -13.84 27.79
CA ASP A 71 27.12 -13.07 27.38
C ASP A 71 27.90 -13.93 26.36
N PRO A 72 27.93 -13.48 25.09
CA PRO A 72 28.61 -14.19 23.99
C PRO A 72 29.99 -14.71 24.37
N TYR A 73 30.89 -13.79 24.71
CA TYR A 73 32.28 -14.13 25.07
C TYR A 73 32.48 -15.14 26.20
N GLU A 74 31.62 -15.09 27.22
CA GLU A 74 31.75 -16.00 28.36
C GLU A 74 31.19 -17.39 28.08
N THR A 75 30.11 -17.45 27.31
CA THR A 75 29.45 -18.72 27.01
C THR A 75 29.84 -19.45 25.72
N TYR A 76 30.15 -18.70 24.67
CA TYR A 76 30.51 -19.31 23.37
C TYR A 76 31.78 -20.15 23.38
N ARG A 77 31.63 -21.40 22.93
CA ARG A 77 32.76 -22.34 22.86
C ARG A 77 32.83 -23.05 21.49
N GLY A 78 32.40 -22.35 20.44
CA GLY A 78 32.45 -22.93 19.10
C GLY A 78 31.10 -23.21 18.45
N ARG A 79 31.08 -23.26 17.12
CA ARG A 79 29.85 -23.50 16.37
C ARG A 79 29.38 -24.96 16.30
N GLY A 80 30.34 -25.88 16.14
CA GLY A 80 30.03 -27.31 16.03
C GLY A 80 29.01 -27.91 16.99
N PHE A 81 29.19 -27.67 18.27
CA PHE A 81 28.30 -28.23 19.27
C PHE A 81 26.83 -27.89 19.05
N PHE A 82 26.54 -26.60 18.86
CA PHE A 82 25.17 -26.15 18.64
C PHE A 82 24.61 -26.84 17.40
N GLU A 83 25.47 -27.01 16.38
CA GLU A 83 25.05 -27.67 15.14
C GLU A 83 24.63 -29.10 15.48
N ALA A 84 25.46 -29.79 16.28
CA ALA A 84 25.19 -31.17 16.68
C ALA A 84 23.93 -31.22 17.55
N LEU A 85 23.73 -30.23 18.41
CA LEU A 85 22.54 -30.23 19.24
C LEU A 85 21.29 -29.99 18.39
N GLY A 86 21.47 -29.25 17.29
CA GLY A 86 20.36 -28.94 16.41
C GLY A 86 19.83 -30.11 15.59
N VAL A 87 20.63 -31.18 15.50
CA VAL A 87 20.23 -32.37 14.73
C VAL A 87 19.66 -33.50 15.60
N GLY A 88 19.50 -33.22 16.90
CA GLY A 88 18.95 -34.22 17.81
C GLY A 88 19.95 -35.08 18.58
N LEU A 89 21.24 -34.88 18.32
CA LEU A 89 22.29 -35.64 19.00
C LEU A 89 22.42 -35.29 20.47
N ASP A 90 23.04 -36.18 21.23
CA ASP A 90 23.25 -35.98 22.67
C ASP A 90 24.75 -36.12 22.92
N LEU A 91 25.44 -34.99 22.98
CA LEU A 91 26.89 -34.99 23.19
C LEU A 91 27.33 -34.81 24.65
N SER A 92 28.56 -35.25 24.93
CA SER A 92 29.14 -35.15 26.27
C SER A 92 30.30 -34.15 26.32
N LYS A 93 30.59 -33.67 27.53
CA LYS A 93 31.66 -32.69 27.77
C LYS A 93 32.96 -32.87 27.01
N ASP A 94 33.35 -34.12 26.73
CA ASP A 94 34.64 -34.36 26.03
C ASP A 94 34.52 -34.44 24.48
N ASP A 95 33.32 -34.24 23.94
CA ASP A 95 33.12 -34.32 22.49
C ASP A 95 33.49 -33.02 21.77
N LEU A 96 33.88 -33.17 20.50
CA LEU A 96 34.26 -32.05 19.66
C LEU A 96 33.35 -32.14 18.43
N ALA A 97 32.42 -31.18 18.29
CA ALA A 97 31.51 -31.19 17.16
C ALA A 97 32.01 -30.31 16.02
N PHE A 98 31.51 -30.59 14.81
CA PHE A 98 31.91 -29.85 13.60
C PHE A 98 30.75 -29.65 12.62
N ARG A 99 30.91 -28.62 11.79
CA ARG A 99 29.94 -28.29 10.76
C ARG A 99 30.55 -28.90 9.49
N VAL A 100 29.74 -29.68 8.76
CA VAL A 100 30.23 -30.32 7.54
C VAL A 100 29.42 -29.90 6.31
N ASN A 101 30.11 -29.75 5.19
CA ASN A 101 29.46 -29.36 3.93
C ASN A 101 29.84 -30.36 2.84
N PHE A 102 28.83 -30.93 2.18
CA PHE A 102 29.08 -31.86 1.08
C PHE A 102 29.44 -30.95 -0.11
N ALA A 103 30.63 -31.13 -0.67
CA ALA A 103 31.08 -30.30 -1.79
C ALA A 103 31.75 -31.10 -2.91
N THR A 104 31.97 -30.45 -4.05
CA THR A 104 32.59 -31.09 -5.21
C THR A 104 34.10 -30.76 -5.31
N LEU A 105 34.92 -31.80 -5.40
CA LEU A 105 36.38 -31.63 -5.53
C LEU A 105 36.79 -32.12 -6.93
N GLU A 106 37.79 -31.46 -7.53
CA GLU A 106 38.25 -31.85 -8.86
C GLU A 106 39.71 -31.45 -9.10
N GLU A 121 41.69 -28.88 -6.04
CA GLU A 121 40.74 -27.84 -6.44
C GLU A 121 39.32 -28.15 -5.96
N GLU A 122 38.70 -27.19 -5.27
CA GLU A 122 37.34 -27.36 -4.75
C GLU A 122 36.39 -26.59 -5.68
N ALA A 123 35.77 -27.32 -6.62
CA ALA A 123 35.05 -26.72 -7.73
C ALA A 123 33.70 -26.13 -7.30
N HIS A 124 32.99 -26.91 -6.45
CA HIS A 124 31.68 -26.49 -5.98
C HIS A 124 31.40 -27.05 -4.58
N GLU A 125 31.16 -26.14 -3.60
CA GLU A 125 31.01 -26.61 -2.23
C GLU A 125 29.59 -27.04 -1.90
N ARG A 128 24.28 -28.53 -4.41
CA ARG A 128 22.92 -28.35 -3.92
C ARG A 128 22.22 -29.68 -3.67
N ALA A 129 22.88 -30.78 -3.27
CA ALA A 129 22.25 -32.10 -3.27
C ALA A 129 20.97 -32.14 -2.43
N ILE A 130 20.03 -32.99 -2.85
CA ILE A 130 18.74 -33.17 -2.18
C ILE A 130 18.95 -33.74 -0.79
N GLN A 131 18.09 -33.34 0.16
CA GLN A 131 18.19 -33.81 1.54
C GLN A 131 18.29 -35.34 1.65
N GLU A 132 17.44 -36.06 0.91
CA GLU A 132 17.44 -37.53 0.93
C GLU A 132 18.76 -38.12 0.42
N GLU A 133 19.39 -37.40 -0.51
CA GLU A 133 20.65 -37.84 -1.09
C GLU A 133 21.79 -37.68 -0.07
N VAL A 134 21.69 -36.63 0.76
CA VAL A 134 22.71 -36.35 1.80
C VAL A 134 22.68 -37.40 2.91
N ASP A 135 21.47 -37.80 3.33
CA ASP A 135 21.31 -38.80 4.40
C ASP A 135 21.83 -40.15 3.87
N ILE A 136 21.50 -40.45 2.62
CA ILE A 136 21.96 -41.70 2.02
C ILE A 136 23.48 -41.69 2.02
N GLY A 137 24.07 -40.55 1.61
CA GLY A 137 25.52 -40.40 1.57
C GLY A 137 26.09 -40.39 2.99
N VAL A 138 25.33 -39.82 3.93
CA VAL A 138 25.74 -39.76 5.35
C VAL A 138 25.75 -41.19 5.91
N ASP A 139 24.71 -41.95 5.57
CA ASP A 139 24.55 -43.35 6.01
C ASP A 139 25.76 -44.21 5.60
N PHE A 140 26.17 -44.10 4.34
CA PHE A 140 27.30 -44.89 3.83
C PHE A 140 28.66 -44.43 4.36
N ILE A 141 28.79 -43.12 4.63
CA ILE A 141 30.04 -42.61 5.19
C ILE A 141 30.22 -43.15 6.61
N PHE A 142 29.09 -43.20 7.32
CA PHE A 142 29.10 -43.66 8.70
C PHE A 142 29.18 -45.19 8.78
N LYS A 143 28.68 -45.86 7.73
CA LYS A 143 28.64 -47.32 7.74
C LYS A 143 30.03 -47.95 7.85
N GLY A 144 30.95 -47.51 6.96
CA GLY A 144 32.30 -48.10 6.97
C GLY A 144 33.38 -47.10 6.55
N LEU A 152 33.26 -41.83 15.70
CA LEU A 152 32.77 -40.61 15.06
C LEU A 152 31.26 -40.70 14.90
N VAL A 153 30.65 -39.58 14.50
CA VAL A 153 29.21 -39.53 14.27
C VAL A 153 28.91 -38.52 13.17
N LEU A 154 28.85 -38.98 11.92
CA LEU A 154 28.52 -38.08 10.80
C LEU A 154 27.01 -38.22 10.66
N LYS A 155 26.32 -37.07 10.65
CA LYS A 155 24.86 -37.03 10.56
C LYS A 155 24.42 -35.97 9.55
N GLY A 156 23.44 -36.31 8.70
CA GLY A 156 22.85 -35.43 7.70
C GLY A 156 21.80 -34.50 8.33
N MET A 157 21.92 -33.21 8.02
CA MET A 157 20.98 -32.24 8.57
C MET A 157 20.00 -31.73 7.51
N SER A 158 20.53 -30.86 6.63
CA SER A 158 19.71 -30.34 5.54
C SER A 158 20.52 -30.14 4.25
N LYS A 162 25.89 -31.41 6.96
CA LYS A 162 26.01 -32.48 7.94
C LYS A 162 26.89 -32.03 9.11
N VAL A 163 27.05 -32.97 10.05
CA VAL A 163 27.76 -32.71 11.29
C VAL A 163 28.66 -33.89 11.67
N GLY A 164 29.86 -33.57 12.20
CA GLY A 164 30.81 -34.60 12.62
C GLY A 164 31.15 -34.40 14.11
N ASP A 165 30.86 -35.41 14.92
CA ASP A 165 31.14 -35.36 16.35
C ASP A 165 32.27 -36.33 16.72
N ASN A 166 33.32 -35.80 17.35
CA ASN A 166 34.45 -36.61 17.79
C ASN A 166 34.49 -36.63 19.32
N ASP A 167 34.48 -37.82 19.90
CA ASP A 167 34.51 -37.96 21.37
C ASP A 167 35.82 -37.52 22.01
N LEU A 224 35.80 -28.73 4.11
CA LEU A 224 34.43 -28.27 4.30
C LEU A 224 33.82 -28.74 5.61
N ILE A 225 34.73 -29.19 6.51
CA ILE A 225 34.36 -29.26 7.92
C ILE A 225 35.05 -28.11 8.66
N ARG A 226 34.33 -27.57 9.66
CA ARG A 226 34.89 -26.46 10.42
C ARG A 226 34.04 -26.16 11.65
N GLY A 227 34.41 -25.02 12.29
CA GLY A 227 33.65 -24.54 13.44
C GLY A 227 33.76 -25.49 14.64
N ALA A 228 34.97 -25.98 14.90
CA ALA A 228 35.22 -26.88 16.04
C ALA A 228 34.62 -26.31 17.32
N GLY A 229 33.57 -26.96 17.81
CA GLY A 229 32.92 -26.50 19.02
C GLY A 229 32.90 -27.56 20.10
N THR A 230 32.85 -27.10 21.35
CA THR A 230 32.81 -28.01 22.50
C THR A 230 31.63 -27.66 23.39
N TYR A 231 31.48 -28.41 24.48
CA TYR A 231 30.38 -28.18 25.43
C TYR A 231 30.32 -26.67 25.74
N PRO A 232 29.13 -26.06 25.60
CA PRO A 232 28.96 -24.61 25.86
C PRO A 232 28.93 -24.31 27.35
N ASN A 233 29.59 -23.21 27.76
CA ASN A 233 29.66 -22.82 29.16
C ASN A 233 28.63 -21.75 29.54
N ILE A 234 27.44 -22.18 29.96
CA ILE A 234 26.42 -21.23 30.35
C ILE A 234 26.12 -21.37 31.85
N PRO A 235 25.97 -20.23 32.54
CA PRO A 235 25.68 -20.24 33.99
C PRO A 235 24.56 -21.23 34.29
N MET A 236 23.34 -20.86 33.90
CA MET A 236 22.17 -21.71 34.11
C MET A 236 21.19 -21.62 32.95
N LYS A 237 20.22 -22.53 32.93
CA LYS A 237 19.23 -22.55 31.86
C LYS A 237 18.21 -21.41 31.91
N PHE A 238 17.73 -21.02 30.73
CA PHE A 238 16.74 -19.95 30.56
C PHE A 238 15.51 -20.19 31.46
N THR A 239 15.01 -21.43 31.45
CA THR A 239 13.84 -21.81 32.24
C THR A 239 14.01 -21.63 33.76
N GLU A 240 15.17 -22.01 34.28
CA GLU A 240 15.45 -21.90 35.71
C GLU A 240 15.65 -20.44 36.10
N GLN A 241 16.43 -19.74 35.27
CA GLN A 241 16.73 -18.33 35.49
C GLN A 241 15.45 -17.50 35.66
N TRP A 242 14.47 -17.75 34.78
CA TRP A 242 13.22 -17.00 34.83
C TRP A 242 12.03 -17.75 35.44
N LYS A 243 12.28 -18.96 35.95
CA LYS A 243 11.22 -19.77 36.55
C LYS A 243 10.03 -19.87 35.57
N VAL A 244 10.32 -20.24 34.32
CA VAL A 244 9.28 -20.36 33.31
C VAL A 244 9.48 -21.59 32.42
N LYS A 245 8.44 -21.96 31.69
CA LYS A 245 8.50 -23.07 30.74
C LYS A 245 8.68 -22.38 29.40
N ALA A 246 9.79 -22.68 28.71
CA ALA A 246 10.08 -22.06 27.43
C ALA A 246 10.11 -23.04 26.27
N ALA A 247 9.53 -22.61 25.14
CA ALA A 247 9.48 -23.42 23.93
C ALA A 247 9.86 -22.53 22.76
N GLY A 248 10.47 -23.13 21.73
CA GLY A 248 10.87 -22.39 20.56
C GLY A 248 10.42 -23.07 19.27
N VAL A 249 10.01 -22.27 18.29
CA VAL A 249 9.58 -22.79 16.99
C VAL A 249 10.70 -22.40 16.01
N ILE A 250 11.66 -23.30 15.84
CA ILE A 250 12.82 -23.06 14.97
C ILE A 250 12.97 -24.18 13.96
N ALA A 251 13.64 -23.88 12.84
CA ALA A 251 13.87 -24.85 11.77
C ALA A 251 15.37 -25.06 11.55
N VAL A 252 16.12 -23.95 11.50
CA VAL A 252 17.57 -24.01 11.28
C VAL A 252 18.31 -24.73 12.41
N ALA A 253 19.11 -25.73 12.04
CA ALA A 253 19.88 -26.52 12.99
C ALA A 253 20.66 -25.67 14.00
N LEU A 254 21.45 -24.72 13.48
CA LEU A 254 22.26 -23.86 14.33
C LEU A 254 21.50 -23.17 15.46
N VAL A 255 20.36 -22.54 15.15
CA VAL A 255 19.59 -21.84 16.16
C VAL A 255 18.89 -22.83 17.08
N LYS A 256 18.56 -24.01 16.53
CA LYS A 256 17.91 -25.03 17.34
C LYS A 256 18.89 -25.51 18.41
N GLY A 257 20.17 -25.55 18.05
CA GLY A 257 21.19 -25.99 18.98
C GLY A 257 21.37 -25.01 20.14
N VAL A 258 21.55 -23.73 19.80
CA VAL A 258 21.72 -22.70 20.82
C VAL A 258 20.53 -22.73 21.76
N ALA A 259 19.32 -22.81 21.19
CA ALA A 259 18.10 -22.83 22.00
C ALA A 259 17.98 -24.07 22.89
N ARG A 260 18.27 -25.24 22.34
CA ARG A 260 18.19 -26.46 23.14
C ARG A 260 19.19 -26.33 24.27
N ALA A 261 20.40 -25.90 23.92
CA ALA A 261 21.48 -25.72 24.88
C ALA A 261 21.11 -24.83 26.07
N VAL A 262 20.19 -23.88 25.88
CA VAL A 262 19.81 -23.01 26.98
C VAL A 262 18.56 -23.43 27.75
N GLY A 263 18.01 -24.60 27.41
CA GLY A 263 16.84 -25.11 28.13
C GLY A 263 15.51 -25.09 27.39
N PHE A 264 15.52 -24.70 26.12
CA PHE A 264 14.29 -24.62 25.35
C PHE A 264 13.81 -25.97 24.80
N ASP A 265 12.48 -26.12 24.73
CA ASP A 265 11.88 -27.30 24.14
C ASP A 265 11.72 -26.82 22.69
N VAL A 266 12.53 -27.35 21.78
CA VAL A 266 12.48 -26.93 20.40
C VAL A 266 11.61 -27.80 19.48
N TYR A 267 10.78 -27.14 18.67
CA TYR A 267 9.88 -27.80 17.73
C TYR A 267 10.20 -27.36 16.29
N THR A 268 9.59 -28.06 15.32
CA THR A 268 9.79 -27.76 13.90
C THR A 268 8.63 -28.41 13.14
N PRO A 269 7.53 -27.66 12.91
CA PRO A 269 6.38 -28.23 12.18
C PRO A 269 6.68 -28.55 10.72
N GLU A 270 5.83 -29.37 10.11
CA GLU A 270 5.99 -29.75 8.71
C GLU A 270 5.90 -28.51 7.83
N GLY A 271 6.82 -28.39 6.87
CA GLY A 271 6.81 -27.23 5.99
C GLY A 271 7.91 -26.25 6.35
N ALA A 272 8.18 -26.09 7.65
CA ALA A 272 9.22 -25.19 8.13
C ALA A 272 10.58 -25.76 7.72
N THR A 273 11.25 -25.08 6.79
CA THR A 273 12.54 -25.55 6.27
C THR A 273 13.71 -24.55 6.37
N GLY A 274 13.42 -23.31 6.74
CA GLY A 274 14.49 -22.31 6.84
C GLY A 274 14.96 -21.78 5.49
N GLU A 275 14.32 -22.26 4.42
CA GLU A 275 14.64 -21.86 3.06
C GLU A 275 13.51 -20.96 2.57
N TYR A 276 13.68 -20.33 1.40
CA TYR A 276 12.66 -19.44 0.84
C TYR A 276 11.31 -20.16 0.68
N ASN A 277 11.36 -21.49 0.59
CA ASN A 277 10.15 -22.32 0.42
C ASN A 277 9.48 -22.77 1.72
N THR A 278 9.98 -22.30 2.86
CA THR A 278 9.42 -22.67 4.17
C THR A 278 7.95 -22.27 4.30
N ASN A 279 7.30 -22.75 5.36
CA ASN A 279 5.89 -22.45 5.61
C ASN A 279 5.71 -21.58 6.87
N GLU A 280 5.82 -20.26 6.70
CA GLU A 280 5.69 -19.33 7.81
C GLU A 280 4.42 -19.56 8.63
N MET A 281 3.32 -19.95 7.96
CA MET A 281 2.05 -20.21 8.64
C MET A 281 2.14 -21.37 9.63
N ALA A 282 2.90 -22.41 9.27
CA ALA A 282 3.06 -23.56 10.15
C ALA A 282 3.75 -23.08 11.44
N LYS A 283 4.75 -22.20 11.27
CA LYS A 283 5.49 -21.66 12.41
C LYS A 283 4.54 -20.85 13.32
N ALA A 284 3.71 -20.00 12.71
CA ALA A 284 2.78 -19.17 13.48
C ALA A 284 1.70 -20.01 14.15
N LYS A 285 1.19 -21.01 13.42
CA LYS A 285 0.15 -21.90 13.95
C LYS A 285 0.70 -22.63 15.17
N LYS A 286 1.90 -23.19 15.03
CA LYS A 286 2.51 -23.93 16.13
C LYS A 286 2.73 -22.99 17.33
N ALA A 287 3.26 -21.79 17.04
CA ALA A 287 3.55 -20.78 18.05
C ALA A 287 2.36 -20.44 18.96
N VAL A 288 1.19 -20.19 18.37
CA VAL A 288 -0.04 -19.90 19.10
C VAL A 288 -0.39 -21.04 20.05
N GLU A 289 -0.32 -22.25 19.47
CA GLU A 289 -0.65 -23.45 20.22
C GLU A 289 0.30 -23.57 21.42
N LEU A 290 1.59 -23.36 21.17
CA LEU A 290 2.60 -23.45 22.22
C LEU A 290 2.35 -22.49 23.39
N LEU A 291 1.78 -21.32 23.09
CA LEU A 291 1.51 -20.33 24.13
C LEU A 291 0.51 -20.84 25.18
N LYS A 292 -0.27 -21.84 24.80
CA LYS A 292 -1.27 -22.41 25.71
C LYS A 292 -0.63 -23.20 26.86
N ASP A 293 0.48 -23.89 26.59
CA ASP A 293 1.16 -24.70 27.63
C ASP A 293 2.50 -24.11 28.11
N TYR A 294 2.99 -23.07 27.44
CA TYR A 294 4.26 -22.45 27.81
C TYR A 294 4.06 -21.00 28.25
N ASP A 295 5.06 -20.44 28.93
CA ASP A 295 4.98 -19.07 29.41
C ASP A 295 5.75 -18.11 28.48
N PHE A 296 6.76 -18.66 27.79
CA PHE A 296 7.58 -17.88 26.89
C PHE A 296 7.77 -18.71 25.62
N VAL A 297 7.48 -18.11 24.47
CA VAL A 297 7.63 -18.80 23.19
C VAL A 297 8.51 -17.98 22.27
N PHE A 298 9.51 -18.64 21.70
CA PHE A 298 10.46 -18.00 20.79
C PHE A 298 10.18 -18.49 19.37
N LEU A 299 10.08 -17.57 18.41
CA LEU A 299 9.79 -17.93 17.01
C LEU A 299 10.86 -17.40 16.05
N HIS A 300 11.61 -18.29 15.41
CA HIS A 300 12.67 -17.91 14.50
C HIS A 300 12.30 -18.05 13.02
N PHE A 301 12.74 -17.09 12.20
CA PHE A 301 12.47 -17.07 10.75
C PHE A 301 13.80 -16.80 10.04
N LYS A 302 14.32 -17.82 9.35
CA LYS A 302 15.63 -17.75 8.69
C LYS A 302 15.79 -17.00 7.35
N PRO A 303 14.96 -17.37 6.35
CA PRO A 303 15.00 -16.76 5.00
C PRO A 303 15.39 -15.29 4.80
N THR A 304 14.91 -14.38 5.65
CA THR A 304 15.28 -12.97 5.48
C THR A 304 16.81 -12.85 5.38
N ASP A 305 17.52 -13.59 6.23
CA ASP A 305 18.98 -13.54 6.24
C ASP A 305 19.62 -14.05 4.96
N ALA A 306 19.04 -15.09 4.35
CA ALA A 306 19.58 -15.65 3.12
C ALA A 306 19.60 -14.61 2.01
N ALA A 307 18.48 -13.88 1.87
CA ALA A 307 18.34 -12.85 0.85
C ALA A 307 19.41 -11.77 1.04
N GLY A 308 19.73 -11.48 2.30
CA GLY A 308 20.73 -10.47 2.59
C GLY A 308 22.09 -10.90 2.08
N HIS A 309 22.43 -12.18 2.29
CA HIS A 309 23.72 -12.72 1.83
C HIS A 309 23.88 -12.65 0.31
N ASP A 310 22.81 -12.92 -0.43
CA ASP A 310 22.86 -12.90 -1.90
C ASP A 310 22.61 -11.53 -2.53
N ASN A 311 22.46 -10.49 -1.69
CA ASN A 311 22.23 -9.13 -2.19
C ASN A 311 20.95 -9.02 -3.05
N LYS A 312 19.83 -9.50 -2.51
CA LYS A 312 18.54 -9.47 -3.22
C LYS A 312 17.51 -8.62 -2.44
N PRO A 313 17.66 -7.28 -2.48
CA PRO A 313 16.79 -6.29 -1.81
C PRO A 313 15.28 -6.58 -1.93
N LYS A 314 14.80 -6.67 -3.18
CA LYS A 314 13.39 -6.94 -3.46
C LYS A 314 12.92 -8.25 -2.81
N LEU A 315 13.77 -9.27 -2.86
CA LEU A 315 13.41 -10.56 -2.25
C LEU A 315 13.36 -10.43 -0.73
N LYS A 316 14.34 -9.76 -0.13
CA LYS A 316 14.36 -9.61 1.32
C LYS A 316 13.04 -8.95 1.76
N ALA A 317 12.62 -7.94 1.00
CA ALA A 317 11.37 -7.23 1.30
C ALA A 317 10.18 -8.19 1.24
N GLU A 318 10.14 -9.01 0.18
CA GLU A 318 9.03 -9.97 0.01
C GLU A 318 9.01 -10.92 1.21
N LEU A 319 10.19 -11.41 1.60
CA LEU A 319 10.28 -12.32 2.73
C LEU A 319 9.77 -11.63 3.99
N ILE A 320 10.15 -10.35 4.16
CA ILE A 320 9.70 -9.59 5.32
C ILE A 320 8.18 -9.45 5.28
N GLU A 321 7.61 -9.31 4.09
CA GLU A 321 6.15 -9.20 3.95
C GLU A 321 5.51 -10.52 4.40
N ARG A 322 6.12 -11.64 4.04
CA ARG A 322 5.60 -12.96 4.43
C ARG A 322 5.61 -13.07 5.95
N ALA A 323 6.64 -12.48 6.58
CA ALA A 323 6.74 -12.52 8.02
C ALA A 323 5.61 -11.70 8.63
N ASP A 324 5.27 -10.58 7.97
CA ASP A 324 4.19 -9.72 8.46
C ASP A 324 2.86 -10.47 8.45
N ARG A 325 2.65 -11.29 7.42
CA ARG A 325 1.39 -12.07 7.35
C ARG A 325 1.41 -13.04 8.52
N MET A 326 2.52 -13.76 8.66
CA MET A 326 2.69 -14.72 9.75
C MET A 326 2.33 -14.02 11.06
N ILE A 327 2.92 -12.84 11.27
CA ILE A 327 2.67 -12.06 12.48
C ILE A 327 1.21 -11.64 12.59
N GLY A 328 0.56 -11.45 11.44
CA GLY A 328 -0.84 -11.06 11.45
C GLY A 328 -1.71 -12.18 12.02
N TYR A 329 -1.45 -13.41 11.57
CA TYR A 329 -2.21 -14.55 12.04
C TYR A 329 -2.15 -14.62 13.57
N ILE A 330 -0.93 -14.51 14.11
CA ILE A 330 -0.72 -14.57 15.54
C ILE A 330 -1.51 -13.49 16.28
N LEU A 331 -1.57 -12.28 15.72
CA LEU A 331 -2.32 -11.20 16.37
C LEU A 331 -3.83 -11.46 16.36
N ASP A 332 -4.30 -12.23 15.34
CA ASP A 332 -5.72 -12.54 15.26
C ASP A 332 -6.10 -13.66 16.26
N HIS A 333 -5.06 -14.22 16.93
CA HIS A 333 -5.34 -15.37 17.83
C HIS A 333 -4.77 -15.20 19.26
N VAL A 334 -4.13 -14.08 19.58
CA VAL A 334 -3.62 -13.89 20.94
C VAL A 334 -4.06 -12.55 21.52
N ASP A 335 -4.26 -12.51 22.84
CA ASP A 335 -4.69 -11.28 23.50
C ASP A 335 -3.42 -10.52 23.96
N LEU A 336 -3.10 -9.42 23.29
CA LEU A 336 -1.90 -8.65 23.63
C LEU A 336 -1.85 -8.26 25.11
N GLU A 337 -3.01 -8.21 25.75
CA GLU A 337 -3.06 -7.86 27.17
C GLU A 337 -2.48 -8.98 28.04
N GLU A 338 -2.42 -10.20 27.48
CA GLU A 338 -1.89 -11.35 28.22
C GLU A 338 -0.53 -11.80 27.63
N VAL A 339 -0.26 -11.35 26.41
CA VAL A 339 0.99 -11.70 25.74
C VAL A 339 1.82 -10.47 25.38
N VAL A 340 3.05 -10.44 25.89
CA VAL A 340 3.99 -9.36 25.60
C VAL A 340 4.74 -9.83 24.36
N ILE A 341 4.66 -9.07 23.27
CA ILE A 341 5.36 -9.48 22.05
C ILE A 341 6.55 -8.59 21.70
N ALA A 342 7.61 -9.22 21.22
CA ALA A 342 8.80 -8.49 20.83
C ALA A 342 9.23 -9.01 19.46
N ILE A 343 9.67 -8.08 18.61
CA ILE A 343 10.12 -8.44 17.27
C ILE A 343 11.42 -7.73 16.94
N THR A 344 12.35 -8.47 16.34
CA THR A 344 13.63 -7.90 15.96
C THR A 344 14.43 -8.93 15.18
N GLY A 345 15.64 -8.55 14.80
CA GLY A 345 16.58 -9.52 14.25
C GLY A 345 17.71 -9.84 15.24
N ASP A 346 18.47 -10.91 14.92
CA ASP A 346 19.64 -11.22 15.76
C ASP A 346 20.88 -10.44 15.30
N HIS A 347 20.78 -9.86 14.09
CA HIS A 347 21.85 -8.99 13.61
C HIS A 347 21.49 -8.33 12.26
N SER A 348 22.36 -7.47 11.72
CA SER A 348 22.08 -6.85 10.43
C SER A 348 22.85 -7.60 9.37
N THR A 349 22.20 -7.83 8.23
CA THR A 349 22.81 -8.50 7.09
C THR A 349 22.43 -7.62 5.91
N PRO A 350 23.15 -6.51 5.73
CA PRO A 350 22.90 -5.56 4.65
C PRO A 350 23.20 -6.15 3.26
N CYS A 351 22.27 -5.96 2.33
CA CYS A 351 22.45 -6.46 0.97
C CYS A 351 23.79 -6.03 0.36
N GLU A 352 24.15 -4.75 0.52
CA GLU A 352 25.40 -4.22 -0.01
C GLU A 352 26.64 -4.86 0.63
N VAL A 353 26.42 -5.62 1.71
CA VAL A 353 27.55 -6.26 2.39
C VAL A 353 27.59 -7.78 2.16
N MET A 354 26.43 -8.36 1.84
CA MET A 354 26.34 -9.80 1.59
C MET A 354 26.93 -10.60 2.76
N ASN A 355 26.82 -10.01 3.96
CA ASN A 355 27.31 -10.64 5.18
C ASN A 355 26.83 -9.82 6.40
N HIS A 356 27.05 -10.37 7.59
CA HIS A 356 26.63 -9.71 8.81
C HIS A 356 27.40 -8.41 9.05
N SER A 357 26.70 -7.35 9.45
CA SER A 357 27.34 -6.07 9.73
C SER A 357 27.16 -5.78 11.23
N GLY A 358 27.82 -4.73 11.71
CA GLY A 358 27.70 -4.36 13.11
C GLY A 358 26.63 -3.30 13.34
N ASP A 359 25.75 -3.11 12.36
CA ASP A 359 24.69 -2.11 12.50
C ASP A 359 23.62 -2.58 13.48
N PRO A 360 23.21 -1.69 14.41
CA PRO A 360 22.16 -2.04 15.36
C PRO A 360 20.91 -2.47 14.60
N VAL A 361 20.10 -3.35 15.23
CA VAL A 361 18.91 -3.85 14.56
C VAL A 361 17.65 -3.21 15.17
N PRO A 362 16.64 -2.90 14.30
CA PRO A 362 15.35 -2.40 14.81
C PRO A 362 14.65 -3.42 15.74
N LEU A 363 14.07 -2.90 16.82
CA LEU A 363 13.39 -3.71 17.83
C LEU A 363 12.04 -3.08 18.17
N LEU A 364 11.01 -3.90 18.32
CA LEU A 364 9.71 -3.39 18.72
C LEU A 364 9.17 -4.30 19.82
N ILE A 365 8.47 -3.68 20.77
CA ILE A 365 7.88 -4.41 21.88
C ILE A 365 6.46 -3.88 22.07
N ALA A 366 5.48 -4.78 22.12
CA ALA A 366 4.08 -4.36 22.29
C ALA A 366 3.31 -5.31 23.20
N GLY A 367 2.24 -4.80 23.82
CA GLY A 367 1.44 -5.64 24.70
C GLY A 367 1.15 -5.04 26.06
N GLY A 368 0.80 -5.90 27.01
CA GLY A 368 0.48 -5.43 28.35
C GLY A 368 1.68 -4.77 29.04
N GLY A 369 1.40 -3.65 29.73
CA GLY A 369 2.45 -2.95 30.47
C GLY A 369 3.35 -1.97 29.72
N VAL A 370 3.33 -2.02 28.38
CA VAL A 370 4.18 -1.14 27.58
C VAL A 370 3.76 0.33 27.54
N ARG A 371 4.75 1.22 27.69
CA ARG A 371 4.52 2.67 27.64
C ARG A 371 4.74 3.10 26.18
N THR A 372 3.67 2.97 25.38
CA THR A 372 3.74 3.29 23.95
C THR A 372 4.36 4.66 23.64
N ASP A 373 5.33 4.70 22.72
CA ASP A 373 5.98 5.95 22.35
C ASP A 373 5.17 6.55 21.21
N ASP A 374 5.78 7.39 20.38
CA ASP A 374 5.03 8.00 19.28
C ASP A 374 5.49 7.61 17.86
N THR A 375 6.05 6.40 17.75
CA THR A 375 6.49 5.87 16.46
C THR A 375 5.22 5.33 15.76
N LYS A 376 5.21 5.34 14.42
CA LYS A 376 4.06 4.88 13.66
C LYS A 376 4.35 3.71 12.71
N ARG A 377 5.62 3.39 12.51
CA ARG A 377 5.98 2.29 11.62
C ARG A 377 7.19 1.55 12.17
N PHE A 378 7.47 0.37 11.61
CA PHE A 378 8.62 -0.41 12.02
C PHE A 378 9.68 -0.28 10.94
N GLY A 379 10.78 0.39 11.27
CA GLY A 379 11.86 0.57 10.32
C GLY A 379 13.10 1.06 11.06
N GLU A 380 14.27 0.94 10.42
CA GLU A 380 15.51 1.38 11.04
C GLU A 380 15.44 2.84 11.50
N ARG A 381 14.99 3.73 10.62
CA ARG A 381 14.88 5.16 10.95
C ARG A 381 13.88 5.45 12.07
N GLU A 382 12.75 4.74 12.09
CA GLU A 382 11.77 4.97 13.14
C GLU A 382 12.36 4.43 14.46
N ALA A 383 13.04 3.28 14.38
CA ALA A 383 13.65 2.68 15.56
C ALA A 383 14.61 3.68 16.22
N MET A 384 15.21 4.55 15.39
CA MET A 384 16.10 5.62 15.85
C MET A 384 15.39 6.62 16.77
N LYS A 385 14.04 6.61 16.68
CA LYS A 385 13.27 7.56 17.51
C LYS A 385 12.48 6.84 18.61
N GLY A 386 12.67 5.50 18.68
CA GLY A 386 11.93 4.71 19.67
C GLY A 386 12.29 5.14 21.11
N GLY A 387 11.26 4.90 21.94
CA GLY A 387 11.35 5.16 23.37
C GLY A 387 12.26 4.23 24.18
N LEU A 388 12.66 3.10 23.61
CA LEU A 388 13.55 2.16 24.31
C LEU A 388 15.00 2.63 24.27
N GLY A 389 15.30 3.45 23.26
CA GLY A 389 16.66 3.92 23.09
C GLY A 389 17.50 2.82 22.48
N ARG A 390 18.82 3.01 22.50
CA ARG A 390 19.75 2.05 21.95
C ARG A 390 20.22 1.11 23.07
N ILE A 391 19.80 -0.16 22.99
CA ILE A 391 20.18 -1.12 24.02
C ILE A 391 20.97 -2.30 23.46
N ARG A 392 21.30 -3.24 24.35
CA ARG A 392 22.05 -4.43 23.97
C ARG A 392 21.09 -5.59 23.76
N GLY A 393 21.53 -6.54 22.94
CA GLY A 393 20.70 -7.72 22.66
C GLY A 393 20.32 -8.42 23.95
N HIS A 394 21.23 -8.44 24.93
CA HIS A 394 20.95 -9.13 26.19
C HIS A 394 20.01 -8.38 27.14
N ASP A 395 19.54 -7.19 26.76
CA ASP A 395 18.59 -6.44 27.60
C ASP A 395 17.15 -6.80 27.20
N ILE A 396 16.98 -7.40 26.03
CA ILE A 396 15.65 -7.74 25.55
C ILE A 396 14.84 -8.67 26.47
N VAL A 397 15.36 -9.88 26.73
CA VAL A 397 14.62 -10.77 27.60
C VAL A 397 14.31 -10.08 28.94
N PRO A 398 15.33 -9.48 29.59
CA PRO A 398 15.06 -8.80 30.87
C PRO A 398 13.90 -7.81 30.79
N ILE A 399 13.81 -7.06 29.68
CA ILE A 399 12.73 -6.09 29.52
C ILE A 399 11.37 -6.80 29.32
N MET A 400 11.38 -7.89 28.54
CA MET A 400 10.15 -8.66 28.31
C MET A 400 9.65 -9.23 29.63
N MET A 401 10.58 -9.85 30.38
CA MET A 401 10.25 -10.48 31.67
C MET A 401 9.70 -9.48 32.66
N ASP A 402 10.20 -8.24 32.62
CA ASP A 402 9.69 -7.23 33.55
C ASP A 402 8.27 -6.78 33.16
N LEU A 403 8.01 -6.82 31.84
CA LEU A 403 6.67 -6.47 31.36
C LEU A 403 5.68 -7.60 31.67
N MET A 404 6.23 -8.83 31.72
CA MET A 404 5.40 -9.99 32.11
C MET A 404 5.24 -10.10 33.63
N ASN A 405 5.85 -9.13 34.35
CA ASN A 405 5.83 -9.19 35.83
C ASN A 405 6.49 -10.48 36.37
N ARG A 406 7.53 -10.96 35.63
CA ARG A 406 8.25 -12.17 36.04
C ARG A 406 9.68 -11.83 36.50
N SER A 407 9.94 -10.51 36.65
CA SER A 407 11.24 -10.08 37.14
C SER A 407 11.25 -10.07 38.66
N GLU A 408 12.43 -10.08 39.29
CA GLU A 408 12.48 -10.07 40.75
C GLU A 408 13.39 -8.96 41.27
N LYS A 409 12.91 -8.24 42.29
CA LYS A 409 13.71 -7.15 42.83
C LYS A 409 15.00 -7.61 43.52
N PHE A 410 16.01 -6.76 43.43
CA PHE A 410 17.31 -6.99 44.06
C PHE A 410 17.38 -5.93 45.16
N GLY A 411 17.43 -6.38 46.42
CA GLY A 411 17.49 -5.43 47.53
C GLY A 411 16.14 -5.25 48.23
N ALA A 412 16.02 -4.18 49.02
CA ALA A 412 14.79 -3.89 49.77
C ALA A 412 14.44 -5.04 50.70
N VAL B 2 15.18 32.46 -19.12
CA VAL B 2 14.70 31.44 -18.14
C VAL B 2 13.83 30.36 -18.80
N LEU B 3 14.08 29.12 -18.40
CA LEU B 3 13.40 27.95 -18.95
C LEU B 3 12.06 27.61 -18.28
N LYS B 4 11.05 27.34 -19.11
CA LYS B 4 9.72 26.98 -18.62
C LYS B 4 9.64 25.45 -18.53
N ARG B 5 8.71 24.94 -17.72
CA ARG B 5 8.56 23.49 -17.56
C ARG B 5 7.17 23.02 -17.96
N LYS B 6 7.02 21.70 -18.12
CA LYS B 6 5.72 21.12 -18.48
C LYS B 6 4.94 20.80 -17.19
N GLY B 7 3.67 20.44 -17.34
CA GLY B 7 2.89 20.11 -16.18
C GLY B 7 2.21 18.75 -16.28
N LEU B 8 2.08 18.07 -15.15
CA LEU B 8 1.40 16.78 -15.12
C LEU B 8 0.51 16.69 -13.87
N LEU B 9 -0.78 16.90 -14.08
CA LEU B 9 -1.74 16.87 -13.00
C LEU B 9 -2.48 15.53 -13.01
N ILE B 10 -2.30 14.77 -11.93
CA ILE B 10 -2.91 13.45 -11.80
C ILE B 10 -4.03 13.41 -10.74
N ILE B 11 -5.23 13.02 -11.19
CA ILE B 11 -6.38 12.94 -10.29
C ILE B 11 -6.84 11.49 -10.04
N LEU B 12 -6.83 11.11 -8.76
CA LEU B 12 -7.28 9.79 -8.36
C LEU B 12 -8.66 10.04 -7.74
N ASP B 13 -9.68 9.95 -8.59
CA ASP B 13 -11.08 10.19 -8.22
C ASP B 13 -11.48 9.62 -6.85
N GLY B 14 -12.08 10.48 -6.02
CA GLY B 14 -12.52 10.06 -4.69
C GLY B 14 -11.42 9.57 -3.76
N LEU B 15 -10.18 9.99 -4.02
CA LEU B 15 -9.03 9.58 -3.20
C LEU B 15 -9.22 9.69 -1.69
N GLY B 16 -9.58 10.89 -1.23
CA GLY B 16 -9.76 11.10 0.21
C GLY B 16 -10.73 10.15 0.92
N ASP B 17 -10.42 9.82 2.16
CA ASP B 17 -11.27 8.93 2.94
C ASP B 17 -11.19 9.26 4.42
N ARG B 18 -11.79 8.40 5.25
CA ARG B 18 -11.74 8.59 6.70
C ARG B 18 -11.09 7.35 7.31
N PRO B 19 -10.57 7.47 8.55
CA PRO B 19 -9.93 6.31 9.21
C PRO B 19 -10.82 5.07 9.11
N ILE B 20 -10.24 3.93 8.72
CA ILE B 20 -10.99 2.68 8.60
C ILE B 20 -10.49 1.72 9.69
N LYS B 21 -11.41 1.21 10.51
CA LYS B 21 -11.06 0.30 11.59
C LYS B 21 -10.38 -0.98 11.10
N GLU B 22 -10.91 -1.57 10.03
CA GLU B 22 -10.31 -2.81 9.51
C GLU B 22 -8.92 -2.57 8.92
N LEU B 23 -8.54 -1.30 8.76
CA LEU B 23 -7.21 -0.97 8.25
C LEU B 23 -6.35 -0.40 9.38
N ASN B 24 -6.69 -0.79 10.62
CA ASN B 24 -5.94 -0.33 11.80
C ASN B 24 -6.01 1.19 11.99
N GLY B 25 -7.15 1.78 11.64
CA GLY B 25 -7.31 3.22 11.80
C GLY B 25 -6.69 4.06 10.70
N LEU B 26 -6.24 3.43 9.61
CA LEU B 26 -5.66 4.15 8.51
C LEU B 26 -6.70 4.31 7.42
N THR B 27 -6.42 5.21 6.48
CA THR B 27 -7.30 5.41 5.35
C THR B 27 -6.74 4.49 4.27
N PRO B 28 -7.56 4.16 3.25
CA PRO B 28 -7.11 3.28 2.16
C PRO B 28 -5.78 3.76 1.56
N LEU B 29 -5.64 5.08 1.41
CA LEU B 29 -4.44 5.65 0.84
C LEU B 29 -3.21 5.43 1.72
N GLU B 30 -3.40 5.51 3.03
CA GLU B 30 -2.29 5.32 3.95
C GLU B 30 -1.91 3.84 4.02
N TYR B 31 -2.94 3.00 4.18
CA TYR B 31 -2.81 1.53 4.27
C TYR B 31 -2.20 0.94 2.98
N ALA B 32 -2.69 1.38 1.82
CA ALA B 32 -2.21 0.89 0.54
C ALA B 32 -0.70 1.07 0.37
N ASN B 33 -0.05 0.07 -0.22
CA ASN B 33 1.39 0.15 -0.45
C ASN B 33 1.60 1.02 -1.70
N THR B 34 2.10 2.24 -1.48
CA THR B 34 2.33 3.20 -2.56
C THR B 34 3.73 3.81 -2.51
N PRO B 35 4.77 2.98 -2.74
CA PRO B 35 6.15 3.47 -2.70
C PRO B 35 6.50 4.65 -3.63
N ASN B 36 5.81 4.77 -4.76
CA ASN B 36 6.08 5.86 -5.72
C ASN B 36 5.54 7.20 -5.27
N MET B 37 4.30 7.24 -4.78
CA MET B 37 3.75 8.50 -4.29
C MET B 37 4.53 8.91 -3.01
N ASP B 38 4.95 7.94 -2.20
CA ASP B 38 5.72 8.25 -0.98
C ASP B 38 7.08 8.86 -1.37
N LYS B 39 7.67 8.37 -2.47
CA LYS B 39 8.95 8.88 -2.95
C LYS B 39 8.75 10.34 -3.38
N LEU B 40 7.66 10.59 -4.13
CA LEU B 40 7.37 11.94 -4.60
C LEU B 40 7.04 12.89 -3.43
N ALA B 41 6.30 12.39 -2.43
CA ALA B 41 5.97 13.21 -1.27
C ALA B 41 7.28 13.53 -0.54
N GLU B 42 8.20 12.58 -0.58
CA GLU B 42 9.47 12.76 0.10
C GLU B 42 10.32 13.88 -0.49
N ILE B 43 10.45 13.95 -1.82
CA ILE B 43 11.25 15.03 -2.40
C ILE B 43 10.38 16.24 -2.77
N GLY B 44 9.07 16.09 -2.58
CA GLY B 44 8.15 17.18 -2.88
C GLY B 44 7.60 17.91 -1.67
N ILE B 45 6.39 18.47 -1.83
CA ILE B 45 5.72 19.20 -0.78
C ILE B 45 4.28 18.71 -0.77
N LEU B 46 3.69 18.66 0.42
CA LEU B 46 2.31 18.19 0.59
C LEU B 46 1.34 19.27 1.10
N GLY B 47 0.04 19.03 0.87
CA GLY B 47 -0.98 19.95 1.35
C GLY B 47 -2.36 19.29 1.31
N GLN B 48 -3.38 20.03 1.75
CA GLN B 48 -4.76 19.55 1.75
C GLN B 48 -5.53 20.55 0.92
N GLN B 49 -6.42 20.07 0.06
CA GLN B 49 -7.20 21.00 -0.74
C GLN B 49 -8.69 20.76 -0.60
N ASP B 50 -9.43 21.86 -0.52
CA ASP B 50 -10.88 21.79 -0.45
C ASP B 50 -11.34 22.11 -1.87
N PRO B 51 -11.96 21.12 -2.56
CA PRO B 51 -12.42 21.39 -3.93
C PRO B 51 -13.25 22.68 -3.96
N ILE B 52 -14.20 22.79 -3.02
CA ILE B 52 -15.05 23.98 -2.97
C ILE B 52 -14.76 24.83 -1.74
N LYS B 53 -14.89 24.24 -0.55
CA LYS B 53 -14.64 24.93 0.70
C LYS B 53 -14.77 23.91 1.84
N PRO B 54 -14.24 24.25 3.02
CA PRO B 54 -14.30 23.34 4.19
C PRO B 54 -15.69 22.70 4.42
N GLY B 55 -15.70 21.37 4.46
CA GLY B 55 -16.94 20.63 4.71
C GLY B 55 -18.00 20.64 3.62
N GLN B 56 -17.68 21.14 2.43
CA GLN B 56 -18.67 21.17 1.34
C GLN B 56 -18.42 20.10 0.26
N PRO B 57 -19.27 19.05 0.20
CA PRO B 57 -19.08 18.01 -0.83
C PRO B 57 -19.28 18.60 -2.22
N ALA B 58 -18.43 18.17 -3.15
CA ALA B 58 -18.50 18.64 -4.53
C ALA B 58 -18.86 17.48 -5.46
N GLY B 59 -19.75 17.76 -6.43
CA GLY B 59 -20.11 16.75 -7.41
C GLY B 59 -18.86 16.60 -8.27
N SER B 60 -18.76 15.53 -9.05
CA SER B 60 -17.57 15.34 -9.89
C SER B 60 -17.30 16.48 -10.88
N ASP B 61 -18.37 17.05 -11.46
CA ASP B 61 -18.21 18.13 -12.45
C ASP B 61 -17.70 19.45 -11.82
N THR B 62 -18.34 19.89 -10.74
CA THR B 62 -17.94 21.13 -10.06
C THR B 62 -16.52 21.00 -9.42
N ALA B 63 -16.15 19.78 -9.00
CA ALA B 63 -14.83 19.55 -8.41
C ALA B 63 -13.74 19.71 -9.45
N HIS B 64 -14.04 19.30 -10.69
CA HIS B 64 -13.04 19.38 -11.76
C HIS B 64 -12.92 20.81 -12.33
N LEU B 65 -14.04 21.57 -12.33
CA LEU B 65 -13.91 22.97 -12.74
C LEU B 65 -12.93 23.66 -11.79
N SER B 66 -13.06 23.26 -10.51
CA SER B 66 -12.18 23.80 -9.47
C SER B 66 -10.73 23.38 -9.68
N ILE B 67 -10.50 22.08 -9.89
CA ILE B 67 -9.17 21.53 -10.12
C ILE B 67 -8.50 22.18 -11.33
N PHE B 68 -9.30 22.51 -12.36
CA PHE B 68 -8.71 23.14 -13.57
C PHE B 68 -8.38 24.62 -13.37
N GLY B 69 -8.72 25.16 -12.20
CA GLY B 69 -8.42 26.56 -11.88
C GLY B 69 -9.57 27.55 -11.86
N TYR B 70 -10.81 27.07 -11.93
CA TYR B 70 -11.96 27.96 -11.94
C TYR B 70 -12.71 27.95 -10.61
N ASP B 71 -13.51 28.99 -10.39
CA ASP B 71 -14.34 29.09 -9.19
C ASP B 71 -15.66 28.42 -9.56
N PRO B 72 -15.95 27.24 -8.96
CA PRO B 72 -17.19 26.51 -9.25
C PRO B 72 -18.47 27.30 -8.99
N TYR B 73 -18.51 28.07 -7.90
CA TYR B 73 -19.69 28.86 -7.59
C TYR B 73 -20.05 29.92 -8.64
N GLU B 74 -19.06 30.36 -9.43
CA GLU B 74 -19.32 31.38 -10.45
C GLU B 74 -19.39 30.84 -11.88
N THR B 75 -18.66 29.74 -12.14
CA THR B 75 -18.63 29.17 -13.48
C THR B 75 -19.68 28.08 -13.75
N TYR B 76 -20.00 27.29 -12.72
CA TYR B 76 -20.95 26.19 -12.86
C TYR B 76 -22.36 26.60 -13.30
N ARG B 77 -22.80 26.00 -14.42
CA ARG B 77 -24.12 26.27 -14.94
C ARG B 77 -24.85 24.94 -15.21
N GLY B 78 -24.62 23.95 -14.35
CA GLY B 78 -25.27 22.66 -14.49
C GLY B 78 -24.37 21.55 -15.00
N ARG B 79 -24.89 20.32 -14.98
CA ARG B 79 -24.14 19.13 -15.42
C ARG B 79 -24.34 18.68 -16.88
N GLY B 80 -25.61 18.63 -17.30
CA GLY B 80 -25.95 18.19 -18.65
C GLY B 80 -24.97 18.47 -19.79
N PHE B 81 -24.61 19.74 -19.98
CA PHE B 81 -23.70 20.13 -21.05
C PHE B 81 -22.38 19.37 -21.05
N PHE B 82 -21.83 19.12 -19.86
CA PHE B 82 -20.56 18.39 -19.74
C PHE B 82 -20.76 16.94 -20.18
N GLU B 83 -21.86 16.34 -19.76
CA GLU B 83 -22.19 14.95 -20.13
C GLU B 83 -22.32 14.85 -21.66
N ALA B 84 -23.00 15.83 -22.27
CA ALA B 84 -23.18 15.82 -23.73
C ALA B 84 -21.83 15.92 -24.45
N LEU B 85 -20.97 16.87 -23.99
CA LEU B 85 -19.64 17.01 -24.62
C LEU B 85 -18.82 15.74 -24.40
N GLY B 86 -19.17 15.02 -23.31
CA GLY B 86 -18.50 13.79 -22.90
C GLY B 86 -18.72 12.66 -23.93
N VAL B 87 -19.98 12.54 -24.39
CA VAL B 87 -20.28 11.48 -25.35
C VAL B 87 -19.79 11.82 -26.77
N GLY B 88 -19.14 12.99 -26.88
CA GLY B 88 -18.49 13.31 -28.16
C GLY B 88 -19.32 14.27 -29.03
N LEU B 89 -20.44 14.82 -28.56
CA LEU B 89 -21.25 15.71 -29.39
C LEU B 89 -20.61 17.10 -29.51
N ASP B 90 -20.98 17.83 -30.56
CA ASP B 90 -20.47 19.18 -30.77
C ASP B 90 -21.64 20.15 -30.61
N LEU B 91 -21.72 20.79 -29.45
CA LEU B 91 -22.80 21.72 -29.14
C LEU B 91 -22.42 23.20 -29.23
N SER B 92 -23.46 24.05 -29.30
CA SER B 92 -23.31 25.50 -29.36
C SER B 92 -23.58 26.06 -27.96
N LYS B 93 -22.87 27.12 -27.59
CA LYS B 93 -23.03 27.73 -26.26
C LYS B 93 -24.46 28.15 -25.92
N ASP B 94 -25.40 27.96 -26.85
CA ASP B 94 -26.78 28.32 -26.58
C ASP B 94 -27.66 27.09 -26.35
N ASP B 95 -27.05 25.90 -26.37
CA ASP B 95 -27.79 24.64 -26.16
C ASP B 95 -27.94 24.25 -24.68
N LEU B 96 -29.00 23.49 -24.39
CA LEU B 96 -29.28 23.00 -23.04
C LEU B 96 -29.25 21.46 -23.06
N ALA B 97 -28.43 20.85 -22.18
CA ALA B 97 -28.30 19.39 -22.13
C ALA B 97 -28.73 18.80 -20.79
N PHE B 98 -29.12 17.53 -20.81
CA PHE B 98 -29.59 16.84 -19.61
C PHE B 98 -29.06 15.41 -19.53
N ARG B 99 -28.98 14.89 -18.30
CA ARG B 99 -28.56 13.50 -18.10
C ARG B 99 -29.92 12.76 -18.04
N VAL B 100 -30.02 11.64 -18.74
CA VAL B 100 -31.27 10.88 -18.78
C VAL B 100 -31.16 9.42 -18.32
N ASN B 101 -32.12 8.99 -17.51
CA ASN B 101 -32.17 7.61 -17.03
C ASN B 101 -33.44 6.96 -17.56
N PHE B 102 -33.30 5.78 -18.19
CA PHE B 102 -34.47 5.06 -18.67
C PHE B 102 -35.10 4.47 -17.40
N ALA B 103 -36.42 4.63 -17.25
CA ALA B 103 -37.12 4.12 -16.07
C ALA B 103 -38.34 3.28 -16.45
N THR B 104 -39.09 2.86 -15.42
CA THR B 104 -40.30 2.07 -15.63
C THR B 104 -41.52 2.77 -15.00
N LEU B 105 -42.49 3.16 -15.85
CA LEU B 105 -43.71 3.83 -15.39
C LEU B 105 -44.94 2.95 -15.66
N GLU B 106 -45.73 2.69 -14.61
CA GLU B 106 -46.94 1.87 -14.77
C GLU B 106 -48.02 2.26 -13.77
N ASN B 107 -49.27 2.30 -14.24
CA ASN B 107 -50.40 2.66 -13.39
C ASN B 107 -51.56 1.69 -13.58
N ALA B 127 -34.80 -0.90 -14.49
CA ALA B 127 -34.60 -2.26 -15.01
C ALA B 127 -33.12 -2.69 -15.08
N ARG B 128 -32.20 -1.73 -14.94
CA ARG B 128 -30.76 -1.99 -15.03
C ARG B 128 -30.40 -2.37 -16.48
N ALA B 129 -31.13 -1.74 -17.41
CA ALA B 129 -30.97 -1.93 -18.86
C ALA B 129 -29.51 -2.08 -19.33
N ILE B 130 -29.34 -2.79 -20.44
CA ILE B 130 -28.01 -3.02 -21.03
C ILE B 130 -27.53 -1.78 -21.80
N GLN B 131 -26.21 -1.64 -21.93
CA GLN B 131 -25.63 -0.50 -22.64
C GLN B 131 -26.04 -0.49 -24.11
N GLU B 132 -26.23 -1.69 -24.68
CA GLU B 132 -26.64 -1.80 -26.09
C GLU B 132 -28.16 -1.57 -26.20
N GLU B 133 -28.89 -1.94 -25.15
CA GLU B 133 -30.33 -1.73 -25.16
C GLU B 133 -30.71 -0.24 -25.12
N VAL B 134 -29.84 0.57 -24.50
CA VAL B 134 -30.08 2.01 -24.38
C VAL B 134 -29.70 2.68 -25.72
N ASP B 135 -28.66 2.15 -26.38
CA ASP B 135 -28.22 2.71 -27.66
C ASP B 135 -29.35 2.53 -28.67
N ILE B 136 -29.98 1.35 -28.66
CA ILE B 136 -31.08 1.10 -29.57
C ILE B 136 -32.32 1.91 -29.19
N GLY B 137 -32.69 1.85 -27.91
CA GLY B 137 -33.85 2.58 -27.42
C GLY B 137 -33.69 4.08 -27.71
N VAL B 138 -32.44 4.53 -27.69
CA VAL B 138 -32.11 5.93 -27.97
C VAL B 138 -32.33 6.25 -29.46
N ASP B 139 -31.77 5.40 -30.33
CA ASP B 139 -31.88 5.55 -31.78
C ASP B 139 -33.33 5.79 -32.23
N PHE B 140 -34.24 4.90 -31.85
CA PHE B 140 -35.64 5.01 -32.24
C PHE B 140 -36.29 6.34 -31.80
N ILE B 141 -35.87 6.85 -30.64
CA ILE B 141 -36.43 8.13 -30.16
C ILE B 141 -35.94 9.29 -31.03
N PHE B 142 -34.65 9.28 -31.36
CA PHE B 142 -34.12 10.26 -32.31
C PHE B 142 -34.88 10.21 -33.64
N LYS B 143 -35.18 8.98 -34.08
CA LYS B 143 -35.89 8.81 -35.35
C LYS B 143 -37.41 8.77 -35.14
N THR B 146 -39.93 10.50 -32.15
CA THR B 146 -40.16 11.69 -31.33
C THR B 146 -39.82 12.97 -32.10
N GLY B 147 -40.78 13.92 -32.06
CA GLY B 147 -40.58 15.17 -32.79
C GLY B 147 -41.45 16.28 -32.20
N HIS B 148 -40.76 17.27 -31.58
CA HIS B 148 -41.50 18.39 -31.01
C HIS B 148 -41.06 19.73 -31.60
N ARG B 149 -41.63 20.82 -31.08
CA ARG B 149 -41.35 22.18 -31.54
C ARG B 149 -39.87 22.58 -31.78
N ALA B 150 -38.96 22.06 -30.96
CA ALA B 150 -37.53 22.39 -31.11
C ALA B 150 -36.71 21.15 -31.46
N VAL B 151 -35.60 21.36 -32.17
CA VAL B 151 -34.73 20.25 -32.54
C VAL B 151 -33.96 19.73 -31.31
N LEU B 152 -33.67 18.43 -31.28
CA LEU B 152 -32.95 17.85 -30.15
C LEU B 152 -32.07 16.66 -30.52
N VAL B 153 -31.09 16.40 -29.67
CA VAL B 153 -30.21 15.26 -29.88
C VAL B 153 -30.46 14.33 -28.69
N LEU B 154 -30.63 13.04 -28.98
CA LEU B 154 -30.85 12.06 -27.92
C LEU B 154 -29.88 10.93 -28.23
N LYS B 155 -28.87 10.79 -27.37
CA LYS B 155 -27.86 9.76 -27.56
C LYS B 155 -27.63 8.97 -26.26
N GLY B 156 -27.50 7.66 -26.37
CA GLY B 156 -27.28 6.85 -25.18
C GLY B 156 -25.81 6.93 -24.77
N MET B 157 -25.52 6.70 -23.48
CA MET B 157 -24.13 6.74 -23.01
C MET B 157 -23.69 5.36 -22.50
N SER B 158 -24.14 4.98 -21.30
CA SER B 158 -23.78 3.68 -20.72
C SER B 158 -24.86 3.19 -19.74
N ARG B 159 -25.05 1.85 -19.73
CA ARG B 159 -26.10 1.26 -18.90
C ARG B 159 -27.46 1.90 -19.20
N GLY B 160 -28.26 2.12 -18.15
CA GLY B 160 -29.61 2.67 -18.38
C GLY B 160 -29.61 4.21 -18.54
N TYR B 161 -28.43 4.80 -18.70
CA TYR B 161 -28.31 6.26 -18.84
C TYR B 161 -28.47 6.71 -20.30
N LYS B 162 -28.37 8.02 -20.52
CA LYS B 162 -28.52 8.63 -21.85
C LYS B 162 -28.36 10.16 -21.72
N VAL B 163 -28.28 10.86 -22.86
CA VAL B 163 -28.14 12.32 -22.89
C VAL B 163 -29.15 13.02 -23.82
N GLY B 164 -29.83 14.04 -23.29
CA GLY B 164 -30.82 14.81 -24.05
C GLY B 164 -30.35 16.24 -24.28
N ASP B 165 -30.36 16.68 -25.54
CA ASP B 165 -29.92 18.03 -25.86
C ASP B 165 -30.99 18.85 -26.60
N ASN B 166 -31.51 19.88 -25.95
CA ASN B 166 -32.46 20.86 -26.49
C ASN B 166 -31.75 22.07 -27.12
N ASP B 167 -32.03 22.29 -28.43
CA ASP B 167 -31.30 23.32 -29.18
C ASP B 167 -31.74 24.77 -28.85
N PRO B 168 -30.88 25.72 -29.23
CA PRO B 168 -30.75 27.04 -28.62
C PRO B 168 -31.74 27.37 -27.47
N HIS B 169 -31.65 26.56 -26.38
CA HIS B 169 -32.53 26.79 -25.23
C HIS B 169 -31.76 27.01 -23.91
N GLU B 170 -30.49 27.43 -24.03
CA GLU B 170 -29.65 27.56 -22.82
C GLU B 170 -30.29 28.47 -21.75
N ALA B 171 -30.98 29.49 -22.27
CA ALA B 171 -31.59 30.51 -21.41
C ALA B 171 -32.59 29.91 -20.42
N GLY B 172 -33.13 28.73 -20.75
CA GLY B 172 -34.13 28.12 -19.85
C GLY B 172 -33.49 27.06 -18.91
N LYS B 173 -32.20 27.29 -18.61
CA LYS B 173 -31.36 26.28 -17.93
C LYS B 173 -31.79 25.89 -16.48
N PRO B 174 -32.73 26.65 -15.86
CA PRO B 174 -33.14 26.39 -14.48
C PRO B 174 -34.47 25.65 -14.31
N PRO B 175 -34.71 24.55 -15.07
CA PRO B 175 -35.82 23.66 -14.79
C PRO B 175 -35.47 22.67 -13.67
N SER B 185 -37.46 28.96 -18.89
CA SER B 185 -37.77 27.92 -17.90
C SER B 185 -39.15 27.29 -18.17
N LYS B 186 -40.18 28.17 -18.17
CA LYS B 186 -41.53 27.67 -18.41
C LYS B 186 -41.65 26.95 -19.75
N LYS B 187 -41.02 27.56 -20.78
CA LYS B 187 -41.10 27.01 -22.13
C LYS B 187 -40.53 25.58 -22.21
N VAL B 188 -39.36 25.40 -21.58
CA VAL B 188 -38.64 24.13 -21.73
C VAL B 188 -39.32 22.97 -20.99
N ALA B 189 -39.92 23.29 -19.83
CA ALA B 189 -40.58 22.24 -19.07
C ALA B 189 -41.82 21.68 -19.81
N GLU B 190 -42.39 22.54 -20.68
CA GLU B 190 -43.53 22.08 -21.48
C GLU B 190 -43.04 21.22 -22.64
N ILE B 191 -41.85 21.59 -23.14
CA ILE B 191 -41.22 20.77 -24.17
C ILE B 191 -40.79 19.43 -23.58
N LEU B 192 -40.06 19.52 -22.45
CA LEU B 192 -39.66 18.29 -21.78
C LEU B 192 -40.87 17.39 -21.48
N GLU B 193 -41.98 18.05 -21.08
CA GLU B 193 -43.16 17.30 -20.67
C GLU B 193 -43.87 16.66 -21.87
N GLU B 194 -43.81 17.37 -23.01
CA GLU B 194 -44.31 16.77 -24.25
C GLU B 194 -43.38 15.66 -24.72
N PHE B 195 -42.09 15.81 -24.33
CA PHE B 195 -41.05 14.87 -24.76
C PHE B 195 -41.15 13.54 -24.02
N VAL B 196 -41.53 13.61 -22.72
CA VAL B 196 -41.70 12.40 -21.94
C VAL B 196 -42.94 11.62 -22.37
N LYS B 197 -44.03 12.38 -22.59
CA LYS B 197 -45.24 11.76 -23.13
C LYS B 197 -44.97 11.12 -24.51
N LYS B 198 -44.37 11.92 -25.40
CA LYS B 198 -44.09 11.42 -26.74
C LYS B 198 -43.08 10.27 -26.72
N ALA B 199 -41.99 10.47 -25.95
CA ALA B 199 -40.98 9.44 -25.82
C ALA B 199 -41.58 8.11 -25.37
N GLN B 200 -42.48 8.21 -24.38
CA GLN B 200 -43.12 7.01 -23.83
C GLN B 200 -43.77 6.15 -24.92
N GLU B 201 -44.46 6.82 -25.86
CA GLU B 201 -45.12 6.15 -26.97
C GLU B 201 -44.12 5.34 -27.81
N VAL B 202 -43.04 6.05 -28.19
CA VAL B 202 -41.96 5.37 -28.93
C VAL B 202 -41.39 4.18 -28.15
N LEU B 203 -41.05 4.43 -26.87
CA LEU B 203 -40.51 3.51 -25.87
C LEU B 203 -41.41 2.29 -25.64
N GLU B 204 -42.68 2.57 -25.29
CA GLU B 204 -43.60 1.48 -24.96
C GLU B 204 -43.81 0.51 -26.12
N LYS B 205 -43.06 0.74 -27.22
CA LYS B 205 -43.33 -0.03 -28.44
C LYS B 205 -42.13 -0.82 -28.96
N HIS B 206 -40.91 -0.34 -28.62
CA HIS B 206 -39.73 -1.06 -29.10
C HIS B 206 -39.79 -2.54 -28.70
N PRO B 207 -39.31 -3.39 -29.63
CA PRO B 207 -39.36 -4.84 -29.44
C PRO B 207 -38.68 -5.24 -28.14
N ILE B 208 -37.55 -4.57 -27.87
CA ILE B 208 -36.82 -4.89 -26.66
C ILE B 208 -37.76 -4.85 -25.44
N ASN B 209 -38.52 -3.74 -25.34
CA ASN B 209 -39.52 -3.65 -24.28
C ASN B 209 -40.55 -4.78 -24.38
N GLU B 210 -40.96 -5.06 -25.64
CA GLU B 210 -41.94 -6.03 -26.11
C GLU B 210 -41.49 -7.44 -25.72
N ARG B 211 -40.22 -7.73 -26.00
CA ARG B 211 -39.62 -8.93 -25.46
C ARG B 211 -39.60 -8.85 -23.93
N ARG B 212 -39.44 -7.62 -23.43
CA ARG B 212 -39.18 -7.43 -22.01
C ARG B 212 -40.38 -7.77 -21.11
N ARG B 213 -41.57 -7.23 -21.47
CA ARG B 213 -42.76 -7.57 -20.67
C ARG B 213 -43.07 -9.07 -20.76
N LYS B 214 -42.82 -9.64 -21.96
CA LYS B 214 -42.95 -11.08 -22.10
C LYS B 214 -42.00 -11.81 -21.15
N GLU B 215 -40.73 -11.39 -21.07
CA GLU B 215 -39.76 -12.06 -20.19
C GLU B 215 -39.92 -11.67 -18.72
N GLY B 216 -40.98 -10.92 -18.41
CA GLY B 216 -41.23 -10.50 -17.03
C GLY B 216 -40.29 -9.43 -16.50
N LYS B 217 -39.47 -8.86 -17.36
CA LYS B 217 -38.52 -7.81 -16.95
C LYS B 217 -39.17 -6.43 -16.97
N PRO B 218 -38.81 -5.54 -16.02
CA PRO B 218 -39.39 -4.19 -15.97
C PRO B 218 -38.98 -3.40 -17.22
N ILE B 219 -39.97 -2.97 -18.01
CA ILE B 219 -39.71 -2.25 -19.25
C ILE B 219 -39.20 -0.82 -19.11
N ALA B 220 -38.26 -0.46 -20.01
CA ALA B 220 -37.69 0.90 -20.04
C ALA B 220 -38.67 1.73 -20.86
N ASN B 221 -39.78 2.16 -20.24
CA ASN B 221 -40.78 2.94 -20.96
C ASN B 221 -40.90 4.39 -20.50
N TYR B 222 -40.11 4.77 -19.51
CA TYR B 222 -40.15 6.15 -19.04
C TYR B 222 -38.79 6.82 -19.04
N LEU B 223 -38.80 8.14 -19.11
CA LEU B 223 -37.57 8.92 -19.16
C LEU B 223 -37.39 9.85 -17.95
N LEU B 224 -36.35 9.63 -17.15
CA LEU B 224 -36.08 10.53 -16.01
C LEU B 224 -35.00 11.51 -16.48
N ILE B 225 -35.39 12.78 -16.61
CA ILE B 225 -34.50 13.84 -17.10
C ILE B 225 -34.10 14.80 -15.98
N ARG B 226 -32.79 15.01 -15.82
CA ARG B 226 -32.29 15.89 -14.79
C ARG B 226 -30.94 16.51 -15.14
N GLY B 227 -30.36 17.24 -14.18
CA GLY B 227 -29.06 17.86 -14.41
C GLY B 227 -28.99 18.81 -15.59
N ALA B 228 -29.98 19.69 -15.72
CA ALA B 228 -30.01 20.65 -16.82
C ALA B 228 -28.70 21.46 -16.81
N GLY B 229 -28.09 21.62 -17.98
CA GLY B 229 -26.83 22.36 -18.02
C GLY B 229 -26.55 23.08 -19.33
N THR B 230 -25.80 24.18 -19.22
CA THR B 230 -25.41 24.98 -20.38
C THR B 230 -23.88 25.01 -20.32
N TYR B 231 -23.26 25.74 -21.24
CA TYR B 231 -21.81 25.86 -21.24
C TYR B 231 -21.44 26.62 -19.96
N PRO B 232 -20.32 26.25 -19.30
CA PRO B 232 -19.94 26.96 -18.06
C PRO B 232 -19.54 28.43 -18.26
N ASN B 233 -19.93 29.28 -17.30
CA ASN B 233 -19.60 30.70 -17.34
C ASN B 233 -18.13 30.93 -16.99
N ILE B 234 -17.24 30.63 -17.94
CA ILE B 234 -15.82 30.82 -17.69
C ILE B 234 -15.33 31.98 -18.56
N PRO B 235 -14.46 32.85 -18.01
CA PRO B 235 -13.91 34.00 -18.73
C PRO B 235 -13.32 33.57 -20.07
N MET B 236 -12.26 32.76 -20.00
CA MET B 236 -11.58 32.25 -21.18
C MET B 236 -11.17 30.80 -20.95
N LYS B 237 -10.78 30.12 -22.03
CA LYS B 237 -10.38 28.72 -21.92
C LYS B 237 -9.01 28.57 -21.24
N PHE B 238 -8.74 27.36 -20.75
CA PHE B 238 -7.49 27.03 -20.07
C PHE B 238 -6.28 27.38 -20.96
N THR B 239 -6.30 26.84 -22.18
CA THR B 239 -5.24 27.05 -23.17
C THR B 239 -4.86 28.51 -23.35
N GLU B 240 -5.85 29.39 -23.52
CA GLU B 240 -5.55 30.80 -23.72
C GLU B 240 -5.19 31.49 -22.41
N GLN B 241 -5.87 31.11 -21.33
CA GLN B 241 -5.62 31.71 -20.03
C GLN B 241 -4.13 31.60 -19.64
N TRP B 242 -3.58 30.39 -19.79
CA TRP B 242 -2.19 30.14 -19.44
C TRP B 242 -1.23 30.07 -20.64
N LYS B 243 -1.78 30.21 -21.85
CA LYS B 243 -0.97 30.18 -23.09
C LYS B 243 -0.17 28.89 -23.19
N VAL B 244 -0.89 27.76 -23.20
CA VAL B 244 -0.28 26.45 -23.29
C VAL B 244 -1.13 25.51 -24.14
N LYS B 245 -0.51 24.39 -24.55
CA LYS B 245 -1.23 23.36 -25.30
C LYS B 245 -1.54 22.39 -24.16
N ALA B 246 -2.81 22.02 -24.02
CA ALA B 246 -3.23 21.12 -22.95
C ALA B 246 -3.99 19.89 -23.43
N ALA B 247 -3.54 18.71 -22.98
CA ALA B 247 -4.16 17.43 -23.34
C ALA B 247 -4.53 16.65 -22.09
N GLY B 248 -5.51 15.75 -22.22
CA GLY B 248 -5.92 14.94 -21.08
C GLY B 248 -6.23 13.48 -21.42
N VAL B 249 -5.81 12.57 -20.53
CA VAL B 249 -6.07 11.15 -20.70
C VAL B 249 -7.27 10.88 -19.79
N ILE B 250 -8.45 10.70 -20.39
CA ILE B 250 -9.65 10.50 -19.60
C ILE B 250 -10.60 9.47 -20.19
N ALA B 251 -11.31 8.74 -19.34
CA ALA B 251 -12.26 7.73 -19.79
C ALA B 251 -13.71 8.12 -19.46
N VAL B 252 -13.97 8.44 -18.20
CA VAL B 252 -15.33 8.82 -17.78
C VAL B 252 -15.87 10.01 -18.58
N ALA B 253 -17.10 9.85 -19.08
CA ALA B 253 -17.76 10.87 -19.90
C ALA B 253 -17.82 12.27 -19.26
N LEU B 254 -18.38 12.35 -18.06
CA LEU B 254 -18.53 13.64 -17.39
C LEU B 254 -17.24 14.45 -17.23
N VAL B 255 -16.12 13.77 -16.96
CA VAL B 255 -14.86 14.48 -16.79
C VAL B 255 -14.26 14.87 -18.14
N LYS B 256 -14.48 14.04 -19.16
CA LYS B 256 -13.98 14.35 -20.51
C LYS B 256 -14.72 15.62 -20.96
N GLY B 257 -15.99 15.71 -20.57
CA GLY B 257 -16.82 16.86 -20.92
C GLY B 257 -16.31 18.16 -20.33
N VAL B 258 -16.05 18.17 -19.03
CA VAL B 258 -15.54 19.36 -18.38
C VAL B 258 -14.21 19.74 -19.03
N ALA B 259 -13.32 18.78 -19.18
CA ALA B 259 -12.02 19.05 -19.78
C ALA B 259 -12.18 19.67 -21.17
N ARG B 260 -13.10 19.13 -21.96
CA ARG B 260 -13.34 19.65 -23.32
C ARG B 260 -13.88 21.07 -23.26
N ALA B 261 -14.87 21.29 -22.38
CA ALA B 261 -15.45 22.62 -22.24
C ALA B 261 -14.39 23.69 -21.95
N VAL B 262 -13.38 23.39 -21.11
CA VAL B 262 -12.37 24.40 -20.81
C VAL B 262 -11.22 24.45 -21.82
N GLY B 263 -11.28 23.59 -22.83
CA GLY B 263 -10.25 23.64 -23.88
C GLY B 263 -9.20 22.56 -24.02
N PHE B 264 -9.36 21.44 -23.30
CA PHE B 264 -8.37 20.36 -23.42
C PHE B 264 -8.62 19.47 -24.63
N ASP B 265 -7.56 18.83 -25.13
CA ASP B 265 -7.68 17.89 -26.24
C ASP B 265 -7.75 16.52 -25.53
N VAL B 266 -8.97 16.02 -25.33
CA VAL B 266 -9.13 14.75 -24.62
C VAL B 266 -8.82 13.47 -25.41
N TYR B 267 -8.11 12.56 -24.74
CA TYR B 267 -7.72 11.28 -25.31
C TYR B 267 -8.20 10.15 -24.41
N THR B 268 -8.59 9.04 -25.01
CA THR B 268 -9.04 7.86 -24.28
C THR B 268 -8.31 6.70 -24.96
N PRO B 269 -7.14 6.32 -24.45
CA PRO B 269 -6.37 5.22 -25.04
C PRO B 269 -7.09 3.88 -24.97
N GLU B 270 -6.63 2.93 -25.80
CA GLU B 270 -7.21 1.59 -25.86
C GLU B 270 -7.14 0.92 -24.48
N GLY B 271 -8.29 0.49 -23.96
CA GLY B 271 -8.31 -0.17 -22.67
C GLY B 271 -8.86 0.64 -21.50
N ALA B 272 -8.83 1.97 -21.63
CA ALA B 272 -9.32 2.86 -20.58
C ALA B 272 -10.85 2.91 -20.58
N THR B 273 -11.46 2.35 -19.52
CA THR B 273 -12.92 2.28 -19.43
C THR B 273 -13.51 3.09 -18.25
N GLY B 274 -12.61 3.51 -17.33
CA GLY B 274 -13.09 4.23 -16.15
C GLY B 274 -13.74 3.28 -15.14
N GLU B 275 -13.45 1.97 -15.33
CA GLU B 275 -13.97 0.95 -14.43
C GLU B 275 -12.84 0.03 -13.94
N TYR B 276 -13.16 -0.81 -12.96
CA TYR B 276 -12.17 -1.73 -12.37
C TYR B 276 -11.30 -2.47 -13.39
N ASN B 277 -11.84 -2.72 -14.59
CA ASN B 277 -11.09 -3.44 -15.62
C ASN B 277 -10.25 -2.54 -16.55
N THR B 278 -10.17 -1.25 -16.16
CA THR B 278 -9.41 -0.27 -16.96
C THR B 278 -7.93 -0.67 -17.12
N ASN B 279 -7.33 -0.19 -18.23
CA ASN B 279 -5.88 -0.34 -18.40
C ASN B 279 -5.14 0.95 -17.96
N GLU B 280 -4.73 0.99 -16.69
CA GLU B 280 -4.03 2.16 -16.14
C GLU B 280 -2.64 2.36 -16.76
N MET B 281 -1.96 1.21 -17.03
CA MET B 281 -0.64 1.32 -17.64
C MET B 281 -0.74 1.92 -19.05
N ALA B 282 -1.94 1.73 -19.64
CA ALA B 282 -2.19 2.32 -20.96
C ALA B 282 -2.36 3.83 -20.87
N LYS B 283 -2.96 4.27 -19.76
CA LYS B 283 -3.15 5.70 -19.53
C LYS B 283 -1.80 6.37 -19.30
N ALA B 284 -0.94 5.70 -18.55
CA ALA B 284 0.39 6.22 -18.24
C ALA B 284 1.21 6.29 -19.54
N LYS B 285 1.14 5.20 -20.31
CA LYS B 285 1.88 5.12 -21.57
C LYS B 285 1.50 6.35 -22.43
N LYS B 286 0.19 6.60 -22.54
CA LYS B 286 -0.30 7.74 -23.32
C LYS B 286 0.10 9.10 -22.74
N ALA B 287 0.00 9.24 -21.40
CA ALA B 287 0.35 10.50 -20.73
C ALA B 287 1.78 10.90 -21.10
N VAL B 288 2.69 9.92 -21.03
CA VAL B 288 4.09 10.15 -21.37
C VAL B 288 4.24 10.61 -22.83
N GLU B 289 3.46 9.99 -23.73
CA GLU B 289 3.50 10.36 -25.15
C GLU B 289 3.10 11.83 -25.32
N LEU B 290 1.92 12.18 -24.78
CA LEU B 290 1.39 13.53 -24.86
C LEU B 290 2.31 14.62 -24.28
N LEU B 291 3.08 14.28 -23.25
CA LEU B 291 3.99 15.28 -22.68
C LEU B 291 4.97 15.78 -23.73
N LYS B 292 5.24 14.94 -24.74
CA LYS B 292 6.16 15.31 -25.81
C LYS B 292 5.62 16.38 -26.77
N ASP B 293 4.30 16.58 -26.81
CA ASP B 293 3.73 17.59 -27.71
C ASP B 293 2.81 18.60 -27.04
N TYR B 294 2.64 18.48 -25.72
CA TYR B 294 1.77 19.40 -24.99
C TYR B 294 2.54 19.97 -23.79
N ASP B 295 2.12 21.13 -23.31
CA ASP B 295 2.80 21.76 -22.17
C ASP B 295 2.20 21.28 -20.85
N PHE B 296 0.89 21.05 -20.85
CA PHE B 296 0.16 20.62 -19.66
C PHE B 296 -0.65 19.37 -19.96
N VAL B 297 -0.45 18.32 -19.16
CA VAL B 297 -1.18 17.07 -19.35
C VAL B 297 -1.96 16.70 -18.09
N PHE B 298 -3.21 16.32 -18.28
CA PHE B 298 -4.10 15.92 -17.18
C PHE B 298 -4.44 14.43 -17.32
N LEU B 299 -4.28 13.67 -16.24
CA LEU B 299 -4.56 12.24 -16.24
C LEU B 299 -5.60 11.92 -15.17
N HIS B 300 -6.67 11.23 -15.57
CA HIS B 300 -7.74 10.88 -14.65
C HIS B 300 -7.87 9.36 -14.47
N PHE B 301 -8.09 8.93 -13.22
CA PHE B 301 -8.25 7.52 -12.87
C PHE B 301 -9.51 7.44 -12.02
N LYS B 302 -10.58 6.86 -12.56
CA LYS B 302 -11.89 6.80 -11.86
C LYS B 302 -12.21 5.69 -10.84
N PRO B 303 -11.87 4.42 -11.15
CA PRO B 303 -12.16 3.29 -10.25
C PRO B 303 -12.00 3.48 -8.73
N THR B 304 -11.03 4.29 -8.29
CA THR B 304 -10.87 4.50 -6.86
C THR B 304 -12.18 5.03 -6.27
N ASP B 305 -12.89 5.84 -7.05
CA ASP B 305 -14.14 6.43 -6.58
C ASP B 305 -15.29 5.42 -6.43
N ALA B 306 -15.30 4.38 -7.27
CA ALA B 306 -16.36 3.38 -7.19
C ALA B 306 -16.25 2.55 -5.90
N ALA B 307 -15.02 2.18 -5.54
CA ALA B 307 -14.81 1.38 -4.33
C ALA B 307 -15.33 2.14 -3.11
N GLY B 308 -15.16 3.48 -3.16
CA GLY B 308 -15.62 4.33 -2.06
C GLY B 308 -17.14 4.35 -2.00
N HIS B 309 -17.78 4.46 -3.17
CA HIS B 309 -19.24 4.48 -3.21
C HIS B 309 -19.81 3.14 -2.70
N ASP B 310 -19.08 2.04 -2.94
CA ASP B 310 -19.54 0.72 -2.50
C ASP B 310 -19.06 0.24 -1.11
N ASN B 311 -18.36 1.11 -0.38
CA ASN B 311 -17.86 0.77 0.96
C ASN B 311 -16.95 -0.46 0.96
N LYS B 312 -15.90 -0.41 0.14
CA LYS B 312 -14.94 -1.51 0.01
C LYS B 312 -13.52 -0.94 0.18
N PRO B 313 -13.11 -0.69 1.44
CA PRO B 313 -11.80 -0.15 1.85
C PRO B 313 -10.58 -0.86 1.27
N LYS B 314 -10.58 -2.18 1.38
CA LYS B 314 -9.47 -3.00 0.87
C LYS B 314 -9.39 -2.84 -0.65
N LEU B 315 -10.54 -2.97 -1.31
CA LEU B 315 -10.59 -2.85 -2.76
C LEU B 315 -10.06 -1.47 -3.18
N LYS B 316 -10.54 -0.42 -2.50
CA LYS B 316 -10.11 0.94 -2.83
C LYS B 316 -8.59 1.04 -2.65
N ALA B 317 -8.09 0.50 -1.53
CA ALA B 317 -6.65 0.51 -1.27
C ALA B 317 -5.93 -0.25 -2.39
N GLU B 318 -6.52 -1.37 -2.81
CA GLU B 318 -5.95 -2.20 -3.88
C GLU B 318 -5.88 -1.36 -5.18
N LEU B 319 -6.93 -0.58 -5.45
CA LEU B 319 -6.95 0.26 -6.64
C LEU B 319 -5.96 1.43 -6.55
N ILE B 320 -5.80 2.00 -5.33
CA ILE B 320 -4.81 3.07 -5.18
C ILE B 320 -3.40 2.52 -5.48
N GLU B 321 -3.23 1.21 -5.19
CA GLU B 321 -1.95 0.57 -5.49
C GLU B 321 -1.71 0.43 -6.99
N ARG B 322 -2.78 0.17 -7.75
CA ARG B 322 -2.65 0.04 -9.20
C ARG B 322 -2.25 1.43 -9.74
N ALA B 323 -2.79 2.48 -9.12
CA ALA B 323 -2.46 3.84 -9.52
C ALA B 323 -0.98 4.11 -9.23
N ASP B 324 -0.50 3.64 -8.07
CA ASP B 324 0.91 3.88 -7.74
C ASP B 324 1.84 3.29 -8.81
N ARG B 325 1.51 2.08 -9.28
CA ARG B 325 2.33 1.46 -10.33
C ARG B 325 2.21 2.28 -11.61
N MET B 326 0.99 2.77 -11.89
CA MET B 326 0.76 3.59 -13.07
C MET B 326 1.68 4.80 -12.98
N ILE B 327 1.73 5.42 -11.79
CA ILE B 327 2.58 6.59 -11.56
C ILE B 327 4.05 6.18 -11.65
N GLY B 328 4.37 5.01 -11.11
CA GLY B 328 5.75 4.51 -11.16
C GLY B 328 6.25 4.41 -12.60
N TYR B 329 5.36 4.01 -13.51
CA TYR B 329 5.74 3.91 -14.92
C TYR B 329 6.11 5.31 -15.44
N ILE B 330 5.21 6.28 -15.22
CA ILE B 330 5.44 7.65 -15.67
C ILE B 330 6.76 8.22 -15.15
N LEU B 331 7.03 8.02 -13.86
CA LEU B 331 8.26 8.53 -13.27
C LEU B 331 9.52 7.97 -13.94
N ASP B 332 9.43 6.73 -14.46
CA ASP B 332 10.58 6.10 -15.12
C ASP B 332 10.84 6.64 -16.52
N HIS B 333 9.91 7.45 -17.03
CA HIS B 333 10.07 7.99 -18.39
C HIS B 333 10.04 9.51 -18.47
N VAL B 334 10.13 10.19 -17.33
CA VAL B 334 10.12 11.66 -17.34
C VAL B 334 11.17 12.25 -16.40
N ASP B 335 11.64 13.45 -16.75
CA ASP B 335 12.64 14.16 -15.94
C ASP B 335 11.86 15.17 -15.08
N LEU B 336 11.99 15.05 -13.76
CA LEU B 336 11.23 15.94 -12.88
C LEU B 336 11.73 17.40 -12.90
N GLU B 337 12.97 17.60 -13.40
CA GLU B 337 13.44 18.98 -13.55
C GLU B 337 12.72 19.69 -14.71
N GLU B 338 12.15 18.86 -15.63
CA GLU B 338 11.44 19.42 -16.78
C GLU B 338 9.91 19.33 -16.60
N VAL B 339 9.45 18.45 -15.71
CA VAL B 339 8.02 18.25 -15.52
C VAL B 339 7.62 18.42 -14.06
N VAL B 340 6.67 19.33 -13.82
CA VAL B 340 6.17 19.56 -12.48
C VAL B 340 4.97 18.63 -12.31
N ILE B 341 5.03 17.74 -11.31
CA ILE B 341 3.94 16.81 -11.11
C ILE B 341 3.10 17.06 -9.85
N ALA B 342 1.78 16.96 -10.03
CA ALA B 342 0.85 17.15 -8.94
C ALA B 342 -0.11 15.98 -8.90
N ILE B 343 -0.38 15.47 -7.70
CA ILE B 343 -1.29 14.35 -7.56
C ILE B 343 -2.29 14.60 -6.43
N THR B 344 -3.56 14.35 -6.72
CA THR B 344 -4.57 14.52 -5.68
C THR B 344 -5.88 13.89 -6.14
N GLY B 345 -6.94 14.18 -5.38
CA GLY B 345 -8.27 13.74 -5.81
C GLY B 345 -9.17 14.96 -6.02
N ASP B 346 -10.13 14.82 -6.95
CA ASP B 346 -11.09 15.90 -7.15
C ASP B 346 -12.00 16.08 -5.93
N HIS B 347 -12.01 15.04 -5.06
CA HIS B 347 -12.79 15.12 -3.82
C HIS B 347 -12.63 13.84 -2.97
N SER B 348 -13.20 13.91 -1.74
CA SER B 348 -13.18 12.74 -0.87
C SER B 348 -14.44 11.88 -1.06
N THR B 349 -14.27 10.57 -0.98
CA THR B 349 -15.39 9.64 -1.07
C THR B 349 -15.14 8.55 -0.05
N PRO B 350 -15.39 8.86 1.23
CA PRO B 350 -15.19 7.91 2.35
C PRO B 350 -16.03 6.65 2.18
N CYS B 351 -15.44 5.49 2.48
CA CYS B 351 -16.17 4.23 2.36
C CYS B 351 -17.35 4.24 3.37
N GLU B 352 -17.13 4.79 4.56
CA GLU B 352 -18.19 4.84 5.57
C GLU B 352 -19.35 5.77 5.16
N VAL B 353 -19.12 6.62 4.17
CA VAL B 353 -20.16 7.55 3.71
C VAL B 353 -20.85 7.05 2.43
N MET B 354 -20.10 6.28 1.62
CA MET B 354 -20.63 5.73 0.37
C MET B 354 -21.09 6.80 -0.62
N ASN B 355 -20.43 7.96 -0.54
CA ASN B 355 -20.73 9.09 -1.42
C ASN B 355 -19.70 10.17 -1.13
N HIS B 356 -19.67 11.21 -1.97
CA HIS B 356 -18.73 12.31 -1.80
C HIS B 356 -18.90 13.00 -0.45
N SER B 357 -17.78 13.33 0.20
CA SER B 357 -17.81 14.02 1.48
C SER B 357 -17.14 15.38 1.27
N GLY B 358 -17.16 16.21 2.31
CA GLY B 358 -16.54 17.52 2.24
C GLY B 358 -15.12 17.50 2.79
N ASP B 359 -14.67 16.33 3.27
CA ASP B 359 -13.30 16.20 3.79
C ASP B 359 -12.28 16.67 2.74
N PRO B 360 -11.31 17.51 3.15
CA PRO B 360 -10.29 18.01 2.22
C PRO B 360 -9.55 16.82 1.61
N VAL B 361 -8.82 17.05 0.51
CA VAL B 361 -8.14 15.96 -0.15
C VAL B 361 -6.62 16.09 -0.14
N PRO B 362 -5.91 14.98 0.13
CA PRO B 362 -4.44 15.05 0.15
C PRO B 362 -3.93 15.48 -1.22
N LEU B 363 -2.88 16.31 -1.20
CA LEU B 363 -2.29 16.86 -2.42
C LEU B 363 -0.77 16.82 -2.32
N LEU B 364 -0.11 16.48 -3.44
CA LEU B 364 1.34 16.49 -3.44
C LEU B 364 1.81 17.14 -4.74
N ILE B 365 2.92 17.87 -4.66
CA ILE B 365 3.51 18.49 -5.82
C ILE B 365 5.02 18.25 -5.74
N ALA B 366 5.60 17.78 -6.85
CA ALA B 366 7.03 17.49 -6.90
C ALA B 366 7.58 17.88 -8.26
N GLY B 367 8.86 18.23 -8.30
CA GLY B 367 9.48 18.63 -9.55
C GLY B 367 10.36 19.86 -9.41
N GLY B 368 10.82 20.39 -10.54
CA GLY B 368 11.67 21.58 -10.50
C GLY B 368 10.97 22.75 -9.85
N GLY B 369 11.70 23.49 -9.02
CA GLY B 369 11.13 24.65 -8.35
C GLY B 369 10.53 24.42 -6.97
N VAL B 370 10.15 23.19 -6.67
CA VAL B 370 9.53 22.89 -5.38
C VAL B 370 10.45 23.00 -4.16
N ARG B 371 9.96 23.67 -3.11
CA ARG B 371 10.70 23.79 -1.86
C ARG B 371 10.16 22.59 -1.06
N THR B 372 10.88 21.46 -1.08
CA THR B 372 10.42 20.25 -0.40
C THR B 372 10.29 20.40 1.12
N ASP B 373 9.13 19.99 1.67
CA ASP B 373 8.90 20.07 3.12
C ASP B 373 9.43 18.76 3.73
N ASP B 374 9.24 18.54 5.02
CA ASP B 374 9.77 17.31 5.62
C ASP B 374 8.81 16.12 5.71
N THR B 375 7.80 16.07 4.82
CA THR B 375 6.87 14.95 4.81
C THR B 375 7.61 13.77 4.13
N LYS B 376 7.30 12.55 4.57
CA LYS B 376 7.96 11.35 4.04
C LYS B 376 7.08 10.44 3.18
N ARG B 377 5.79 10.33 3.51
CA ARG B 377 4.86 9.49 2.74
C ARG B 377 3.63 10.27 2.28
N PHE B 378 2.85 9.67 1.39
CA PHE B 378 1.66 10.34 0.88
C PHE B 378 0.41 9.82 1.58
N GLY B 379 -0.20 10.65 2.41
CA GLY B 379 -1.40 10.24 3.13
C GLY B 379 -2.10 11.45 3.74
N GLU B 380 -3.37 11.27 4.12
CA GLU B 380 -4.13 12.37 4.69
C GLU B 380 -3.49 12.98 5.94
N ARG B 381 -3.01 12.14 6.88
CA ARG B 381 -2.40 12.70 8.09
C ARG B 381 -1.08 13.40 7.78
N GLU B 382 -0.37 12.91 6.77
CA GLU B 382 0.91 13.51 6.37
C GLU B 382 0.62 14.86 5.69
N ALA B 383 -0.41 14.90 4.84
CA ALA B 383 -0.78 16.13 4.14
C ALA B 383 -1.18 17.22 5.13
N MET B 384 -1.72 16.77 6.29
CA MET B 384 -2.07 17.70 7.34
C MET B 384 -0.83 18.45 7.86
N LYS B 385 0.37 17.88 7.54
CA LYS B 385 1.62 18.49 7.99
C LYS B 385 2.43 19.07 6.81
N GLY B 386 1.84 19.06 5.61
CA GLY B 386 2.57 19.57 4.44
C GLY B 386 2.77 21.07 4.41
N GLY B 387 3.88 21.47 3.79
CA GLY B 387 4.24 22.89 3.64
C GLY B 387 3.32 23.75 2.78
N LEU B 388 2.44 23.13 1.98
CA LEU B 388 1.52 23.93 1.14
C LEU B 388 0.35 24.46 1.96
N GLY B 389 0.11 23.83 3.11
CA GLY B 389 -0.98 24.24 3.98
C GLY B 389 -2.33 23.80 3.42
N ARG B 390 -3.41 24.38 3.91
CA ARG B 390 -4.76 24.03 3.45
C ARG B 390 -5.19 25.08 2.41
N ILE B 391 -5.23 24.66 1.15
CA ILE B 391 -5.61 25.56 0.04
C ILE B 391 -6.90 25.11 -0.66
N ARG B 392 -7.33 25.88 -1.66
CA ARG B 392 -8.54 25.56 -2.44
C ARG B 392 -8.11 24.79 -3.69
N GLY B 393 -9.04 24.01 -4.23
CA GLY B 393 -8.75 23.23 -5.41
C GLY B 393 -8.34 24.12 -6.59
N HIS B 394 -8.93 25.31 -6.69
CA HIS B 394 -8.59 26.20 -7.80
C HIS B 394 -7.26 26.97 -7.58
N ASP B 395 -6.56 26.65 -6.48
CA ASP B 395 -5.21 27.19 -6.26
C ASP B 395 -4.13 26.33 -6.93
N ILE B 396 -4.51 25.06 -7.22
CA ILE B 396 -3.52 24.06 -7.65
C ILE B 396 -2.88 24.40 -9.00
N VAL B 397 -3.68 24.76 -10.02
CA VAL B 397 -3.12 25.07 -11.32
C VAL B 397 -2.21 26.30 -11.25
N PRO B 398 -2.68 27.39 -10.59
CA PRO B 398 -1.84 28.59 -10.50
C PRO B 398 -0.47 28.28 -9.87
N ILE B 399 -0.48 27.48 -8.80
CA ILE B 399 0.78 27.12 -8.15
C ILE B 399 1.63 26.25 -9.10
N MET B 400 0.97 25.38 -9.87
CA MET B 400 1.71 24.53 -10.81
C MET B 400 2.28 25.41 -11.91
N MET B 401 1.45 26.32 -12.42
CA MET B 401 1.87 27.21 -13.49
C MET B 401 3.03 28.09 -13.05
N ASP B 402 3.05 28.48 -11.78
CA ASP B 402 4.13 29.31 -11.26
C ASP B 402 5.43 28.50 -11.16
N LEU B 403 5.30 27.24 -10.68
CA LEU B 403 6.48 26.39 -10.61
C LEU B 403 7.03 26.09 -12.02
N MET B 404 6.07 26.11 -12.99
CA MET B 404 6.43 25.88 -14.40
C MET B 404 6.95 27.16 -15.06
N ASN B 405 7.03 28.25 -14.29
CA ASN B 405 7.49 29.55 -14.78
C ASN B 405 6.62 30.07 -15.92
N ARG B 406 5.32 29.79 -15.84
CA ARG B 406 4.38 30.23 -16.86
C ARG B 406 3.38 31.24 -16.29
N SER B 407 3.71 31.78 -15.11
CA SER B 407 2.85 32.77 -14.45
C SER B 407 3.25 34.21 -14.78
N GLU B 408 2.24 35.07 -14.93
CA GLU B 408 2.46 36.48 -15.22
C GLU B 408 2.09 37.30 -13.98
N LYS B 409 2.94 38.27 -13.66
CA LYS B 409 2.72 39.11 -12.48
C LYS B 409 1.50 40.02 -12.65
N PHE B 410 1.02 40.53 -11.53
CA PHE B 410 -0.12 41.44 -11.50
C PHE B 410 0.38 42.77 -10.91
N GLY B 411 0.44 43.80 -11.75
CA GLY B 411 0.90 45.10 -11.30
C GLY B 411 2.33 45.45 -11.69
N ALA B 412 2.80 46.59 -11.19
CA ALA B 412 4.16 47.08 -11.47
C ALA B 412 4.43 47.23 -12.96
CA CA C . 2.30 4.97 19.99
ZN ZN D . 21.53 -15.15 12.08
ZN ZN E . 23.74 -15.34 8.03
CA CA F . 11.45 16.23 1.99
ZN ZN G . -15.15 12.33 -8.90
ZN ZN H . -18.27 9.57 -7.12
#